data_1SXD
#
_entry.id   1SXD
#
_entity_poly.entity_id   1
_entity_poly.type   'polypeptide(L)'
_entity_poly.pdbx_seq_one_letter_code
;GSHMAALEGYRKEQERLGIPYDPIHWSTDQVLHWVVWVMKEFSMTDIDLTTLNISGRELCSLNQEDFFQRVPRGEILWSH
LELLRKYVLAS
;
_entity_poly.pdbx_strand_id   A
#
# COMPACT_ATOMS: atom_id res chain seq x y z
N GLY A 1 -10.08 -5.79 -7.65
CA GLY A 1 -9.46 -6.41 -8.85
C GLY A 1 -9.06 -7.85 -8.59
N SER A 2 -8.76 -8.59 -9.66
CA SER A 2 -8.33 -9.97 -9.54
C SER A 2 -6.96 -10.17 -10.16
N HIS A 3 -6.12 -9.14 -10.07
CA HIS A 3 -4.81 -9.16 -10.72
C HIS A 3 -3.73 -9.63 -9.74
N MET A 4 -3.22 -10.83 -9.97
CA MET A 4 -2.24 -11.43 -9.08
C MET A 4 -0.86 -10.82 -9.28
N ALA A 5 -0.66 -10.16 -10.42
CA ALA A 5 0.63 -9.54 -10.75
C ALA A 5 1.13 -8.64 -9.63
N ALA A 6 0.32 -7.67 -9.26
CA ALA A 6 0.69 -6.73 -8.21
C ALA A 6 0.68 -7.42 -6.85
N LEU A 7 -0.27 -8.33 -6.66
CA LEU A 7 -0.44 -8.99 -5.36
C LEU A 7 0.76 -9.85 -5.03
N GLU A 8 1.04 -10.84 -5.89
CA GLU A 8 2.17 -11.74 -5.69
C GLU A 8 3.45 -10.96 -5.58
N GLY A 9 3.51 -9.83 -6.27
CA GLY A 9 4.67 -8.99 -6.20
C GLY A 9 4.95 -8.50 -4.81
N TYR A 10 3.97 -7.82 -4.21
CA TYR A 10 4.16 -7.25 -2.90
C TYR A 10 4.03 -8.30 -1.80
N ARG A 11 3.08 -9.24 -1.92
CA ARG A 11 2.92 -10.30 -0.93
C ARG A 11 4.17 -11.18 -0.84
N LYS A 12 4.86 -11.41 -1.94
CA LYS A 12 6.12 -12.15 -1.87
C LYS A 12 7.15 -11.32 -1.11
N GLU A 13 6.89 -10.02 -1.05
CA GLU A 13 7.76 -9.07 -0.35
C GLU A 13 7.32 -8.92 1.11
N GLN A 14 6.12 -9.40 1.44
CA GLN A 14 5.52 -9.13 2.75
C GLN A 14 5.83 -10.25 3.71
N GLU A 15 5.54 -11.47 3.28
CA GLU A 15 5.70 -12.63 4.14
C GLU A 15 7.17 -12.86 4.48
N ARG A 16 8.04 -12.34 3.63
CA ARG A 16 9.48 -12.46 3.79
C ARG A 16 10.00 -11.47 4.85
N LEU A 17 9.19 -10.47 5.15
CA LEU A 17 9.59 -9.38 6.04
C LEU A 17 8.64 -9.23 7.22
N GLY A 18 7.53 -9.94 7.17
CA GLY A 18 6.57 -9.90 8.27
C GLY A 18 5.52 -8.82 8.05
N ILE A 19 5.63 -8.13 6.92
CA ILE A 19 4.72 -7.03 6.59
C ILE A 19 3.28 -7.55 6.49
N PRO A 20 2.36 -6.93 7.24
CA PRO A 20 0.95 -7.32 7.25
C PRO A 20 0.25 -7.02 5.94
N TYR A 21 -0.66 -7.90 5.57
CA TYR A 21 -1.44 -7.79 4.36
C TYR A 21 -2.44 -6.64 4.46
N ASP A 22 -3.05 -6.52 5.63
CA ASP A 22 -4.08 -5.49 5.85
C ASP A 22 -3.43 -4.17 6.26
N PRO A 23 -3.84 -3.07 5.62
CA PRO A 23 -3.18 -1.76 5.73
C PRO A 23 -3.13 -1.21 7.14
N ILE A 24 -4.14 -1.52 7.95
CA ILE A 24 -4.26 -0.91 9.25
C ILE A 24 -3.16 -1.36 10.21
N HIS A 25 -2.60 -2.55 10.00
CA HIS A 25 -1.59 -3.06 10.94
C HIS A 25 -0.18 -2.66 10.53
N TRP A 26 -0.04 -1.90 9.45
CA TRP A 26 1.30 -1.53 8.97
C TRP A 26 1.99 -0.62 9.97
N SER A 27 3.29 -0.71 10.06
CA SER A 27 4.07 0.29 10.76
C SER A 27 4.60 1.27 9.74
N THR A 28 5.01 2.46 10.19
CA THR A 28 5.38 3.55 9.30
C THR A 28 6.32 3.11 8.17
N ASP A 29 7.27 2.24 8.50
CA ASP A 29 8.21 1.71 7.49
C ASP A 29 7.47 0.87 6.46
N GLN A 30 6.69 -0.10 6.93
CA GLN A 30 5.92 -0.99 6.06
C GLN A 30 4.86 -0.24 5.26
N VAL A 31 4.28 0.79 5.85
CA VAL A 31 3.38 1.66 5.11
C VAL A 31 4.04 2.15 3.82
N LEU A 32 5.30 2.55 3.95
CA LEU A 32 6.07 3.05 2.81
C LEU A 32 6.94 1.97 2.16
N HIS A 33 7.07 0.78 2.75
CA HIS A 33 7.59 -0.34 1.97
C HIS A 33 6.61 -0.61 0.85
N TRP A 34 5.34 -0.60 1.22
CA TRP A 34 4.25 -0.70 0.27
C TRP A 34 4.28 0.45 -0.73
N VAL A 35 4.26 1.70 -0.29
CA VAL A 35 4.25 2.82 -1.22
C VAL A 35 5.47 2.82 -2.14
N VAL A 36 6.66 2.47 -1.65
CA VAL A 36 7.86 2.43 -2.49
C VAL A 36 7.83 1.26 -3.47
N TRP A 37 7.60 0.07 -2.94
CA TRP A 37 7.53 -1.14 -3.76
C TRP A 37 6.40 -1.04 -4.78
N VAL A 38 5.23 -0.66 -4.34
CA VAL A 38 4.08 -0.63 -5.23
C VAL A 38 4.12 0.59 -6.16
N MET A 39 4.79 1.66 -5.79
CA MET A 39 5.00 2.74 -6.78
C MET A 39 5.96 2.26 -7.88
N LYS A 40 6.79 1.29 -7.54
CA LYS A 40 7.73 0.67 -8.46
C LYS A 40 7.03 -0.08 -9.60
N GLU A 41 6.09 -0.95 -9.25
CA GLU A 41 5.54 -1.90 -10.23
C GLU A 41 4.80 -1.20 -11.38
N PHE A 42 4.35 0.03 -11.15
CA PHE A 42 3.66 0.79 -12.18
C PHE A 42 4.42 2.06 -12.52
N SER A 43 5.68 2.10 -12.09
CA SER A 43 6.61 3.16 -12.44
C SER A 43 6.04 4.54 -12.08
N MET A 44 5.49 4.64 -10.87
CA MET A 44 5.00 5.90 -10.36
C MET A 44 6.18 6.75 -9.87
N THR A 45 6.88 6.24 -8.85
CA THR A 45 8.14 6.82 -8.38
C THR A 45 7.95 8.14 -7.63
N ASP A 46 7.15 9.04 -8.18
CA ASP A 46 6.96 10.36 -7.58
C ASP A 46 5.61 10.46 -6.87
N ILE A 47 5.36 9.54 -5.95
CA ILE A 47 4.21 9.67 -5.08
C ILE A 47 4.70 10.01 -3.67
N ASP A 48 4.00 10.93 -3.03
CA ASP A 48 4.42 11.52 -1.77
C ASP A 48 4.65 10.48 -0.67
N LEU A 49 5.92 10.24 -0.36
CA LEU A 49 6.30 9.33 0.71
C LEU A 49 6.28 10.05 2.05
N THR A 50 6.88 11.23 2.09
CA THR A 50 6.99 12.00 3.33
C THR A 50 5.63 12.47 3.83
N THR A 51 4.64 12.50 2.94
CA THR A 51 3.30 12.91 3.32
C THR A 51 2.48 11.72 3.83
N LEU A 52 3.01 10.52 3.57
CA LEU A 52 2.37 9.30 4.05
C LEU A 52 3.24 8.65 5.11
N ASN A 53 4.10 9.45 5.73
CA ASN A 53 4.97 8.96 6.79
C ASN A 53 4.18 8.83 8.09
N ILE A 54 3.30 7.85 8.10
CA ILE A 54 2.44 7.57 9.23
C ILE A 54 2.32 6.06 9.41
N SER A 55 1.62 5.64 10.44
CA SER A 55 1.44 4.21 10.68
C SER A 55 0.18 3.70 9.98
N GLY A 56 -0.02 2.39 9.98
CA GLY A 56 -1.12 1.80 9.25
C GLY A 56 -2.49 2.31 9.68
N ARG A 57 -2.68 2.45 10.99
CA ARG A 57 -3.95 2.94 11.51
C ARG A 57 -4.25 4.33 10.97
N GLU A 58 -3.22 5.14 10.77
CA GLU A 58 -3.38 6.44 10.14
C GLU A 58 -3.74 6.30 8.67
N LEU A 59 -2.95 5.49 7.96
CA LEU A 59 -3.16 5.27 6.52
C LEU A 59 -4.57 4.76 6.24
N CYS A 60 -4.96 3.71 6.94
CA CYS A 60 -6.24 3.06 6.69
C CYS A 60 -7.42 3.89 7.17
N SER A 61 -7.19 4.84 8.08
CA SER A 61 -8.28 5.63 8.64
C SER A 61 -8.56 6.89 7.82
N LEU A 62 -7.73 7.19 6.82
CA LEU A 62 -7.98 8.39 6.01
C LEU A 62 -8.71 8.01 4.73
N ASN A 63 -9.67 8.84 4.34
CA ASN A 63 -10.45 8.59 3.13
C ASN A 63 -9.61 8.89 1.91
N GLN A 64 -10.00 8.34 0.75
CA GLN A 64 -9.28 8.55 -0.50
C GLN A 64 -8.90 10.02 -0.70
N GLU A 65 -9.79 10.90 -0.22
CA GLU A 65 -9.63 12.34 -0.38
C GLU A 65 -8.42 12.83 0.39
N ASP A 66 -8.34 12.46 1.65
CA ASP A 66 -7.21 12.87 2.48
C ASP A 66 -5.90 12.39 1.87
N PHE A 67 -5.94 11.26 1.19
CA PHE A 67 -4.76 10.80 0.47
C PHE A 67 -4.59 11.62 -0.78
N PHE A 68 -5.67 11.83 -1.53
CA PHE A 68 -5.60 12.46 -2.84
C PHE A 68 -5.26 13.94 -2.72
N GLN A 69 -5.26 14.46 -1.51
CA GLN A 69 -4.79 15.82 -1.31
C GLN A 69 -3.31 15.79 -1.02
N ARG A 70 -2.91 14.88 -0.14
CA ARG A 70 -1.50 14.63 0.17
C ARG A 70 -0.74 14.21 -1.09
N VAL A 71 -1.47 13.50 -1.97
CA VAL A 71 -0.92 12.83 -3.14
C VAL A 71 -2.09 12.25 -3.95
N PRO A 72 -2.49 12.93 -5.03
CA PRO A 72 -3.68 12.57 -5.79
C PRO A 72 -3.45 11.46 -6.80
N ARG A 73 -2.21 11.24 -7.19
CA ARG A 73 -1.90 10.30 -8.24
C ARG A 73 -1.64 8.88 -7.71
N GLY A 74 -2.24 8.52 -6.59
CA GLY A 74 -1.98 7.20 -6.02
C GLY A 74 -3.17 6.26 -6.07
N GLU A 75 -4.10 6.48 -7.00
CA GLU A 75 -5.27 5.62 -7.18
C GLU A 75 -4.90 4.14 -7.33
N ILE A 76 -3.83 3.88 -8.05
CA ILE A 76 -3.40 2.53 -8.36
C ILE A 76 -2.89 1.83 -7.08
N LEU A 77 -2.35 2.62 -6.16
CA LEU A 77 -1.90 2.10 -4.87
C LEU A 77 -3.07 1.43 -4.14
N TRP A 78 -4.11 2.22 -3.92
CA TRP A 78 -5.29 1.81 -3.17
C TRP A 78 -5.96 0.58 -3.76
N SER A 79 -5.88 0.50 -5.08
CA SER A 79 -6.50 -0.58 -5.84
C SER A 79 -5.89 -1.92 -5.43
N HIS A 80 -4.56 -1.96 -5.42
CA HIS A 80 -3.84 -3.14 -4.97
C HIS A 80 -4.05 -3.32 -3.47
N LEU A 81 -4.28 -2.22 -2.80
CA LEU A 81 -4.46 -2.26 -1.36
C LEU A 81 -5.79 -2.92 -1.00
N GLU A 82 -6.85 -2.61 -1.75
CA GLU A 82 -8.10 -3.35 -1.59
C GLU A 82 -7.85 -4.84 -1.74
N LEU A 83 -7.09 -5.17 -2.78
CA LEU A 83 -6.77 -6.56 -3.10
C LEU A 83 -5.91 -7.21 -2.02
N LEU A 84 -5.02 -6.43 -1.42
CA LEU A 84 -4.26 -6.90 -0.27
C LEU A 84 -5.19 -7.35 0.86
N ARG A 85 -5.99 -6.46 1.40
CA ARG A 85 -6.78 -6.79 2.59
C ARG A 85 -7.92 -7.74 2.26
N LYS A 86 -8.27 -7.86 0.99
CA LYS A 86 -9.27 -8.83 0.55
C LYS A 86 -8.69 -10.23 0.41
N TYR A 87 -7.47 -10.33 -0.10
CA TYR A 87 -6.92 -11.62 -0.52
C TYR A 87 -5.94 -12.18 0.49
N VAL A 88 -6.33 -12.06 1.75
CA VAL A 88 -5.66 -12.73 2.84
C VAL A 88 -6.70 -13.07 3.90
N LEU A 89 -7.96 -12.76 3.58
CA LEU A 89 -9.06 -12.83 4.54
C LEU A 89 -8.82 -11.83 5.66
N ALA A 90 -8.08 -10.76 5.33
CA ALA A 90 -7.64 -9.75 6.29
C ALA A 90 -6.71 -10.35 7.36
N SER A 91 -5.48 -9.83 7.42
CA SER A 91 -4.45 -10.37 8.29
C SER A 91 -4.77 -10.09 9.75
N GLY A 1 0.12 -13.69 -12.48
CA GLY A 1 -0.76 -12.76 -13.23
C GLY A 1 -2.22 -12.93 -12.86
N SER A 2 -3.10 -12.74 -13.84
CA SER A 2 -4.54 -12.87 -13.65
C SER A 2 -5.04 -11.91 -12.57
N HIS A 3 -4.75 -10.62 -12.76
CA HIS A 3 -5.14 -9.57 -11.79
C HIS A 3 -4.55 -9.85 -10.41
N MET A 4 -3.36 -10.41 -10.39
CA MET A 4 -2.69 -10.76 -9.14
C MET A 4 -1.23 -10.32 -9.17
N ALA A 5 -0.76 -9.79 -10.30
CA ALA A 5 0.65 -9.46 -10.50
C ALA A 5 1.19 -8.56 -9.39
N ALA A 6 0.43 -7.52 -9.08
CA ALA A 6 0.82 -6.59 -8.02
C ALA A 6 0.75 -7.27 -6.66
N LEU A 7 -0.20 -8.17 -6.50
CA LEU A 7 -0.45 -8.81 -5.22
C LEU A 7 0.60 -9.87 -4.93
N GLU A 8 0.74 -10.82 -5.84
CA GLU A 8 1.69 -11.93 -5.67
C GLU A 8 3.10 -11.40 -5.49
N GLY A 9 3.42 -10.35 -6.23
CA GLY A 9 4.71 -9.73 -6.13
C GLY A 9 4.97 -9.16 -4.75
N TYR A 10 4.01 -8.40 -4.24
CA TYR A 10 4.18 -7.77 -2.94
C TYR A 10 4.06 -8.80 -1.81
N ARG A 11 3.17 -9.77 -1.95
CA ARG A 11 3.08 -10.88 -1.00
C ARG A 11 4.41 -11.60 -0.88
N LYS A 12 5.12 -11.77 -1.98
CA LYS A 12 6.45 -12.35 -1.93
C LYS A 12 7.40 -11.45 -1.13
N GLU A 13 7.04 -10.18 -1.01
CA GLU A 13 7.84 -9.23 -0.22
C GLU A 13 7.26 -9.08 1.20
N GLN A 14 6.08 -9.64 1.45
CA GLN A 14 5.41 -9.44 2.73
C GLN A 14 5.75 -10.57 3.67
N GLU A 15 5.62 -11.79 3.16
CA GLU A 15 5.99 -12.97 3.94
C GLU A 15 7.50 -12.94 4.22
N ARG A 16 8.22 -12.26 3.34
CA ARG A 16 9.67 -12.12 3.42
C ARG A 16 10.08 -11.18 4.56
N LEU A 17 9.21 -10.24 4.91
CA LEU A 17 9.56 -9.16 5.83
C LEU A 17 8.60 -9.06 7.02
N GLY A 18 7.48 -9.76 6.95
CA GLY A 18 6.52 -9.73 8.04
C GLY A 18 5.45 -8.68 7.82
N ILE A 19 5.54 -7.97 6.70
CA ILE A 19 4.60 -6.92 6.37
C ILE A 19 3.18 -7.48 6.26
N PRO A 20 2.24 -6.95 7.08
CA PRO A 20 0.87 -7.42 7.08
C PRO A 20 0.12 -7.00 5.82
N TYR A 21 -0.79 -7.85 5.40
CA TYR A 21 -1.64 -7.60 4.25
C TYR A 21 -2.59 -6.44 4.50
N ASP A 22 -3.01 -6.30 5.76
CA ASP A 22 -3.97 -5.27 6.14
C ASP A 22 -3.26 -3.95 6.36
N PRO A 23 -3.74 -2.88 5.71
CA PRO A 23 -3.14 -1.55 5.77
C PRO A 23 -3.10 -0.97 7.18
N ILE A 24 -4.10 -1.29 7.99
CA ILE A 24 -4.24 -0.64 9.28
C ILE A 24 -3.18 -1.12 10.27
N HIS A 25 -2.63 -2.32 10.07
CA HIS A 25 -1.62 -2.83 10.99
C HIS A 25 -0.20 -2.51 10.51
N TRP A 26 -0.06 -1.74 9.43
CA TRP A 26 1.26 -1.39 8.93
C TRP A 26 1.98 -0.49 9.93
N SER A 27 3.29 -0.63 9.99
CA SER A 27 4.13 0.34 10.68
C SER A 27 4.72 1.28 9.63
N THR A 28 5.10 2.49 10.03
CA THR A 28 5.50 3.54 9.09
C THR A 28 6.47 3.04 8.02
N ASP A 29 7.44 2.23 8.41
CA ASP A 29 8.42 1.70 7.46
C ASP A 29 7.72 0.84 6.41
N GLN A 30 6.91 -0.10 6.88
CA GLN A 30 6.17 -1.02 6.03
C GLN A 30 5.06 -0.32 5.25
N VAL A 31 4.49 0.73 5.81
CA VAL A 31 3.57 1.60 5.06
C VAL A 31 4.23 2.06 3.77
N LEU A 32 5.49 2.46 3.88
CA LEU A 32 6.26 2.93 2.74
C LEU A 32 7.12 1.83 2.12
N HIS A 33 7.22 0.65 2.72
CA HIS A 33 7.73 -0.49 1.96
C HIS A 33 6.75 -0.76 0.83
N TRP A 34 5.47 -0.76 1.20
CA TRP A 34 4.37 -0.85 0.24
C TRP A 34 4.42 0.29 -0.76
N VAL A 35 4.37 1.53 -0.30
CA VAL A 35 4.36 2.66 -1.22
C VAL A 35 5.59 2.68 -2.14
N VAL A 36 6.77 2.32 -1.65
CA VAL A 36 7.96 2.29 -2.51
C VAL A 36 7.92 1.10 -3.49
N TRP A 37 7.74 -0.09 -2.95
CA TRP A 37 7.68 -1.31 -3.75
C TRP A 37 6.55 -1.23 -4.79
N VAL A 38 5.38 -0.87 -4.35
CA VAL A 38 4.22 -0.87 -5.23
C VAL A 38 4.21 0.35 -6.17
N MET A 39 4.76 1.48 -5.77
CA MET A 39 4.92 2.58 -6.74
C MET A 39 5.88 2.15 -7.85
N LYS A 40 6.74 1.20 -7.51
CA LYS A 40 7.69 0.61 -8.47
C LYS A 40 6.99 -0.21 -9.55
N GLU A 41 6.05 -1.08 -9.18
CA GLU A 41 5.45 -2.03 -10.13
C GLU A 41 4.77 -1.30 -11.31
N PHE A 42 4.35 -0.06 -11.10
CA PHE A 42 3.69 0.72 -12.14
C PHE A 42 4.47 1.98 -12.46
N SER A 43 5.71 2.04 -11.99
CA SER A 43 6.63 3.13 -12.30
C SER A 43 6.02 4.49 -11.93
N MET A 44 5.44 4.56 -10.73
CA MET A 44 4.90 5.81 -10.19
C MET A 44 5.89 6.43 -9.22
N THR A 45 7.13 5.91 -9.24
CA THR A 45 8.15 6.32 -8.29
C THR A 45 8.32 7.85 -8.22
N ASP A 46 7.62 8.45 -7.25
CA ASP A 46 7.56 9.91 -7.09
C ASP A 46 6.49 10.31 -6.09
N ILE A 47 5.47 9.46 -5.92
CA ILE A 47 4.34 9.77 -5.04
C ILE A 47 4.83 10.15 -3.63
N ASP A 48 4.06 11.02 -2.97
CA ASP A 48 4.41 11.57 -1.66
C ASP A 48 4.67 10.50 -0.61
N LEU A 49 5.95 10.18 -0.42
CA LEU A 49 6.36 9.28 0.65
C LEU A 49 6.32 10.00 1.99
N THR A 50 6.79 11.24 1.98
CA THR A 50 6.89 12.05 3.19
C THR A 50 5.51 12.41 3.74
N THR A 51 4.56 12.63 2.84
CA THR A 51 3.21 12.98 3.24
C THR A 51 2.46 11.75 3.77
N LEU A 52 3.06 10.58 3.60
CA LEU A 52 2.52 9.35 4.13
C LEU A 52 3.43 8.80 5.22
N ASN A 53 4.18 9.69 5.86
CA ASN A 53 5.03 9.32 6.99
C ASN A 53 4.18 9.11 8.25
N ILE A 54 3.26 8.17 8.17
CA ILE A 54 2.38 7.83 9.27
C ILE A 54 2.32 6.32 9.43
N SER A 55 1.56 5.85 10.40
CA SER A 55 1.40 4.42 10.60
C SER A 55 0.19 3.90 9.85
N GLY A 56 0.02 2.58 9.82
CA GLY A 56 -1.06 1.98 9.08
C GLY A 56 -2.43 2.38 9.58
N ARG A 57 -2.56 2.51 10.90
CA ARG A 57 -3.84 2.85 11.50
C ARG A 57 -4.27 4.26 11.09
N GLU A 58 -3.30 5.10 10.80
CA GLU A 58 -3.58 6.43 10.29
C GLU A 58 -3.82 6.38 8.79
N LEU A 59 -3.04 5.57 8.08
CA LEU A 59 -3.18 5.38 6.65
C LEU A 59 -4.57 4.80 6.30
N CYS A 60 -4.91 3.70 6.93
CA CYS A 60 -6.16 3.00 6.60
C CYS A 60 -7.39 3.79 7.07
N SER A 61 -7.19 4.69 8.02
CA SER A 61 -8.30 5.45 8.57
C SER A 61 -8.59 6.72 7.77
N LEU A 62 -7.79 7.04 6.78
CA LEU A 62 -8.12 8.17 5.92
C LEU A 62 -8.75 7.66 4.64
N ASN A 63 -9.81 8.32 4.20
CA ASN A 63 -10.49 7.94 2.96
C ASN A 63 -9.73 8.49 1.76
N GLN A 64 -10.05 7.96 0.56
CA GLN A 64 -9.29 8.24 -0.65
C GLN A 64 -8.93 9.71 -0.79
N GLU A 65 -9.83 10.57 -0.33
CA GLU A 65 -9.73 12.00 -0.50
C GLU A 65 -8.64 12.58 0.39
N ASP A 66 -8.66 12.20 1.67
CA ASP A 66 -7.60 12.66 2.57
C ASP A 66 -6.23 12.25 2.03
N PHE A 67 -6.17 11.12 1.33
CA PHE A 67 -4.95 10.73 0.65
C PHE A 67 -4.75 11.61 -0.58
N PHE A 68 -5.81 11.81 -1.34
CA PHE A 68 -5.72 12.46 -2.64
C PHE A 68 -5.37 13.94 -2.48
N GLN A 69 -5.65 14.52 -1.34
CA GLN A 69 -5.28 15.90 -1.13
C GLN A 69 -3.79 15.96 -0.83
N ARG A 70 -3.34 15.04 0.03
CA ARG A 70 -1.93 14.86 0.33
C ARG A 70 -1.15 14.49 -0.94
N VAL A 71 -1.81 13.74 -1.83
CA VAL A 71 -1.20 13.08 -2.97
C VAL A 71 -2.31 12.43 -3.80
N PRO A 72 -2.74 13.09 -4.88
CA PRO A 72 -3.91 12.68 -5.66
C PRO A 72 -3.60 11.57 -6.66
N ARG A 73 -2.34 11.40 -6.99
CA ARG A 73 -1.95 10.46 -8.03
C ARG A 73 -1.56 9.08 -7.48
N GLY A 74 -2.22 8.64 -6.41
CA GLY A 74 -1.94 7.32 -5.87
C GLY A 74 -3.08 6.33 -6.02
N GLU A 75 -3.98 6.57 -6.99
CA GLU A 75 -5.16 5.71 -7.22
C GLU A 75 -4.80 4.24 -7.43
N ILE A 76 -3.75 4.00 -8.20
CA ILE A 76 -3.36 2.64 -8.55
C ILE A 76 -2.83 1.91 -7.30
N LEU A 77 -2.25 2.66 -6.38
CA LEU A 77 -1.73 2.12 -5.13
C LEU A 77 -2.85 1.54 -4.29
N TRP A 78 -3.87 2.36 -4.06
CA TRP A 78 -5.04 1.97 -3.29
C TRP A 78 -5.74 0.76 -3.86
N SER A 79 -5.72 0.66 -5.18
CA SER A 79 -6.32 -0.45 -5.89
C SER A 79 -5.69 -1.76 -5.41
N HIS A 80 -4.37 -1.78 -5.38
CA HIS A 80 -3.64 -2.94 -4.89
C HIS A 80 -3.90 -3.12 -3.40
N LEU A 81 -4.09 -2.02 -2.70
CA LEU A 81 -4.30 -2.06 -1.26
C LEU A 81 -5.63 -2.70 -0.91
N GLU A 82 -6.68 -2.34 -1.63
CA GLU A 82 -7.95 -3.01 -1.46
C GLU A 82 -7.81 -4.49 -1.75
N LEU A 83 -7.05 -4.81 -2.79
CA LEU A 83 -6.78 -6.20 -3.16
C LEU A 83 -5.95 -6.90 -2.08
N LEU A 84 -5.08 -6.16 -1.41
CA LEU A 84 -4.37 -6.66 -0.24
C LEU A 84 -5.34 -7.08 0.87
N ARG A 85 -6.17 -6.16 1.33
CA ARG A 85 -7.05 -6.48 2.46
C ARG A 85 -8.19 -7.41 2.04
N LYS A 86 -8.44 -7.50 0.75
CA LYS A 86 -9.44 -8.46 0.25
C LYS A 86 -8.87 -9.88 0.25
N TYR A 87 -7.57 -9.99 0.02
CA TYR A 87 -6.94 -11.29 -0.20
C TYR A 87 -6.10 -11.72 0.99
N VAL A 88 -6.55 -11.38 2.17
CA VAL A 88 -6.04 -11.92 3.41
C VAL A 88 -7.21 -12.12 4.35
N LEU A 89 -8.41 -11.84 3.83
CA LEU A 89 -9.63 -11.82 4.63
C LEU A 89 -9.49 -10.83 5.78
N ALA A 90 -8.73 -9.77 5.52
CA ALA A 90 -8.46 -8.70 6.48
C ALA A 90 -7.86 -9.24 7.78
N SER A 91 -6.54 -9.41 7.77
CA SER A 91 -5.78 -9.89 8.93
C SER A 91 -6.28 -11.24 9.42
N GLY A 1 -0.10 -12.77 -12.61
CA GLY A 1 -1.39 -13.40 -13.01
C GLY A 1 -2.52 -12.40 -13.10
N SER A 2 -3.70 -12.89 -13.42
CA SER A 2 -4.88 -12.08 -13.66
C SER A 2 -5.19 -11.15 -12.48
N HIS A 3 -4.84 -9.87 -12.65
CA HIS A 3 -5.12 -8.81 -11.67
C HIS A 3 -4.29 -8.98 -10.39
N MET A 4 -3.59 -10.10 -10.29
CA MET A 4 -2.85 -10.43 -9.09
C MET A 4 -1.38 -10.00 -9.22
N ALA A 5 -1.05 -9.43 -10.37
CA ALA A 5 0.32 -9.03 -10.70
C ALA A 5 0.98 -8.25 -9.56
N ALA A 6 0.35 -7.15 -9.16
CA ALA A 6 0.89 -6.31 -8.09
C ALA A 6 0.86 -7.04 -6.76
N LEU A 7 -0.17 -7.85 -6.55
CA LEU A 7 -0.37 -8.51 -5.27
C LEU A 7 0.68 -9.58 -5.02
N GLU A 8 0.81 -10.51 -5.95
CA GLU A 8 1.75 -11.63 -5.80
C GLU A 8 3.17 -11.12 -5.66
N GLY A 9 3.47 -10.04 -6.35
CA GLY A 9 4.76 -9.41 -6.22
C GLY A 9 5.01 -8.88 -4.82
N TYR A 10 4.08 -8.07 -4.31
CA TYR A 10 4.28 -7.43 -3.02
C TYR A 10 4.22 -8.44 -1.87
N ARG A 11 3.30 -9.40 -1.93
CA ARG A 11 3.22 -10.45 -0.91
C ARG A 11 4.51 -11.26 -0.85
N LYS A 12 5.19 -11.43 -1.97
CA LYS A 12 6.48 -12.11 -1.95
C LYS A 12 7.51 -11.26 -1.21
N GLU A 13 7.27 -9.95 -1.15
CA GLU A 13 8.11 -9.05 -0.37
C GLU A 13 7.67 -9.07 1.10
N GLN A 14 6.36 -8.92 1.30
CA GLN A 14 5.75 -8.91 2.62
C GLN A 14 6.18 -10.09 3.48
N GLU A 15 6.03 -11.31 2.97
CA GLU A 15 6.34 -12.51 3.75
C GLU A 15 7.82 -12.57 4.10
N ARG A 16 8.63 -11.94 3.27
CA ARG A 16 10.07 -11.85 3.49
C ARG A 16 10.40 -10.85 4.60
N LEU A 17 9.45 -9.99 4.94
CA LEU A 17 9.72 -8.88 5.85
C LEU A 17 8.78 -8.90 7.06
N GLY A 18 7.71 -9.69 7.00
CA GLY A 18 6.77 -9.74 8.08
C GLY A 18 5.61 -8.79 7.88
N ILE A 19 5.64 -8.08 6.75
CA ILE A 19 4.62 -7.06 6.44
C ILE A 19 3.23 -7.69 6.35
N PRO A 20 2.28 -7.18 7.14
CA PRO A 20 0.90 -7.68 7.13
C PRO A 20 0.14 -7.25 5.89
N TYR A 21 -0.86 -8.03 5.54
CA TYR A 21 -1.66 -7.82 4.35
C TYR A 21 -2.65 -6.67 4.51
N ASP A 22 -3.18 -6.50 5.71
CA ASP A 22 -4.15 -5.44 5.96
C ASP A 22 -3.43 -4.14 6.35
N PRO A 23 -3.88 -3.02 5.77
CA PRO A 23 -3.20 -1.71 5.90
C PRO A 23 -3.20 -1.17 7.31
N ILE A 24 -4.25 -1.48 8.05
CA ILE A 24 -4.47 -0.87 9.34
C ILE A 24 -3.42 -1.33 10.36
N HIS A 25 -2.81 -2.49 10.15
CA HIS A 25 -1.81 -2.99 11.10
C HIS A 25 -0.38 -2.67 10.63
N TRP A 26 -0.24 -1.93 9.54
CA TRP A 26 1.09 -1.61 9.02
C TRP A 26 1.87 -0.75 10.02
N SER A 27 3.17 -0.95 10.06
CA SER A 27 4.05 -0.02 10.75
C SER A 27 4.58 0.98 9.75
N THR A 28 4.98 2.16 10.21
CA THR A 28 5.36 3.27 9.33
C THR A 28 6.31 2.83 8.21
N ASP A 29 7.29 2.00 8.56
CA ASP A 29 8.24 1.49 7.58
C ASP A 29 7.51 0.68 6.51
N GLN A 30 6.72 -0.28 6.95
CA GLN A 30 5.95 -1.17 6.07
C GLN A 30 4.90 -0.40 5.26
N VAL A 31 4.35 0.64 5.85
CA VAL A 31 3.45 1.53 5.12
C VAL A 31 4.14 2.04 3.85
N LEU A 32 5.39 2.43 3.99
CA LEU A 32 6.19 2.94 2.88
C LEU A 32 7.06 1.86 2.24
N HIS A 33 7.12 0.66 2.81
CA HIS A 33 7.63 -0.47 2.05
C HIS A 33 6.66 -0.71 0.90
N TRP A 34 5.38 -0.70 1.26
CA TRP A 34 4.28 -0.78 0.30
C TRP A 34 4.37 0.34 -0.72
N VAL A 35 4.28 1.59 -0.29
CA VAL A 35 4.25 2.71 -1.22
C VAL A 35 5.48 2.73 -2.15
N VAL A 36 6.67 2.42 -1.66
CA VAL A 36 7.85 2.41 -2.50
C VAL A 36 7.86 1.23 -3.49
N TRP A 37 7.58 0.05 -2.97
CA TRP A 37 7.51 -1.16 -3.80
C TRP A 37 6.37 -1.04 -4.83
N VAL A 38 5.22 -0.63 -4.38
CA VAL A 38 4.07 -0.54 -5.26
C VAL A 38 4.17 0.66 -6.22
N MET A 39 4.87 1.72 -5.86
CA MET A 39 5.12 2.76 -6.85
C MET A 39 6.12 2.24 -7.89
N LYS A 40 6.90 1.24 -7.50
CA LYS A 40 7.88 0.60 -8.38
C LYS A 40 7.22 -0.20 -9.51
N GLU A 41 6.28 -1.08 -9.18
CA GLU A 41 5.66 -2.00 -10.16
C GLU A 41 5.17 -1.24 -11.41
N PHE A 42 4.34 -0.24 -11.19
CA PHE A 42 3.72 0.53 -12.28
C PHE A 42 4.52 1.78 -12.62
N SER A 43 5.76 1.81 -12.16
CA SER A 43 6.68 2.91 -12.48
C SER A 43 6.07 4.26 -12.12
N MET A 44 5.52 4.33 -10.91
CA MET A 44 4.96 5.56 -10.37
C MET A 44 5.90 6.15 -9.34
N THR A 45 7.20 5.91 -9.46
CA THR A 45 8.18 6.48 -8.53
C THR A 45 8.17 8.01 -8.56
N ASP A 46 7.09 8.58 -8.04
CA ASP A 46 6.82 10.01 -8.04
C ASP A 46 5.57 10.31 -7.20
N ILE A 47 5.30 9.45 -6.22
CA ILE A 47 4.15 9.67 -5.33
C ILE A 47 4.66 10.17 -3.98
N ASP A 48 3.81 10.92 -3.28
CA ASP A 48 4.20 11.55 -2.03
C ASP A 48 4.38 10.55 -0.90
N LEU A 49 5.64 10.26 -0.58
CA LEU A 49 5.97 9.38 0.52
C LEU A 49 5.88 10.12 1.85
N THR A 50 6.25 11.40 1.82
CA THR A 50 6.32 12.22 3.02
C THR A 50 4.96 12.36 3.71
N THR A 51 3.90 12.40 2.92
CA THR A 51 2.55 12.54 3.46
C THR A 51 2.03 11.23 4.01
N LEU A 52 2.63 10.13 3.60
CA LEU A 52 2.21 8.81 4.04
C LEU A 52 3.20 8.26 5.05
N ASN A 53 4.02 9.15 5.61
CA ASN A 53 4.97 8.77 6.64
C ASN A 53 4.25 8.68 7.98
N ILE A 54 3.31 7.75 8.03
CA ILE A 54 2.49 7.52 9.21
C ILE A 54 2.34 6.02 9.43
N SER A 55 1.68 5.63 10.51
CA SER A 55 1.51 4.21 10.79
C SER A 55 0.23 3.68 10.14
N GLY A 56 0.06 2.36 10.15
CA GLY A 56 -1.03 1.74 9.42
C GLY A 56 -2.40 2.23 9.85
N ARG A 57 -2.61 2.36 11.15
CA ARG A 57 -3.90 2.77 11.68
C ARG A 57 -4.25 4.16 11.18
N GLU A 58 -3.23 4.97 10.93
CA GLU A 58 -3.41 6.32 10.42
C GLU A 58 -3.69 6.25 8.92
N LEU A 59 -2.89 5.47 8.22
CA LEU A 59 -3.02 5.28 6.77
C LEU A 59 -4.42 4.82 6.40
N CYS A 60 -4.87 3.74 7.03
CA CYS A 60 -6.13 3.12 6.66
C CYS A 60 -7.33 3.97 7.08
N SER A 61 -7.11 4.90 7.99
CA SER A 61 -8.20 5.71 8.52
C SER A 61 -8.50 6.95 7.68
N LEU A 62 -7.65 7.29 6.72
CA LEU A 62 -7.91 8.47 5.91
C LEU A 62 -8.65 8.06 4.63
N ASN A 63 -9.66 8.83 4.27
CA ASN A 63 -10.45 8.56 3.06
C ASN A 63 -9.60 8.82 1.84
N GLN A 64 -9.99 8.26 0.70
CA GLN A 64 -9.27 8.46 -0.56
C GLN A 64 -8.98 9.94 -0.79
N GLU A 65 -9.90 10.78 -0.27
CA GLU A 65 -9.86 12.23 -0.41
C GLU A 65 -8.66 12.80 0.31
N ASP A 66 -8.50 12.44 1.58
CA ASP A 66 -7.34 12.90 2.34
C ASP A 66 -6.05 12.46 1.69
N PHE A 67 -6.09 11.31 1.02
CA PHE A 67 -4.90 10.86 0.29
C PHE A 67 -4.74 11.69 -0.97
N PHE A 68 -5.84 11.87 -1.70
CA PHE A 68 -5.79 12.50 -3.01
C PHE A 68 -5.52 13.99 -2.90
N GLN A 69 -5.49 14.52 -1.69
CA GLN A 69 -5.06 15.89 -1.50
C GLN A 69 -3.58 15.92 -1.19
N ARG A 70 -3.16 15.03 -0.29
CA ARG A 70 -1.75 14.85 0.04
C ARG A 70 -0.97 14.41 -1.20
N VAL A 71 -1.67 13.68 -2.08
CA VAL A 71 -1.07 12.94 -3.20
C VAL A 71 -2.21 12.33 -4.04
N PRO A 72 -2.66 13.03 -5.08
CA PRO A 72 -3.84 12.63 -5.86
C PRO A 72 -3.55 11.53 -6.87
N ARG A 73 -2.30 11.33 -7.19
CA ARG A 73 -1.94 10.37 -8.22
C ARG A 73 -1.60 8.98 -7.66
N GLY A 74 -2.22 8.57 -6.56
CA GLY A 74 -1.94 7.25 -6.01
C GLY A 74 -3.12 6.30 -6.03
N GLU A 75 -4.04 6.51 -6.97
CA GLU A 75 -5.22 5.64 -7.16
C GLU A 75 -4.85 4.17 -7.34
N ILE A 76 -3.78 3.91 -8.06
CA ILE A 76 -3.35 2.54 -8.35
C ILE A 76 -2.86 1.85 -7.07
N LEU A 77 -2.32 2.65 -6.15
CA LEU A 77 -1.84 2.14 -4.87
C LEU A 77 -3.00 1.51 -4.10
N TRP A 78 -4.02 2.31 -3.89
CA TRP A 78 -5.20 1.91 -3.13
C TRP A 78 -5.89 0.69 -3.70
N SER A 79 -5.86 0.59 -5.02
CA SER A 79 -6.46 -0.53 -5.71
C SER A 79 -5.80 -1.84 -5.27
N HIS A 80 -4.47 -1.82 -5.23
CA HIS A 80 -3.70 -2.96 -4.75
C HIS A 80 -3.95 -3.16 -3.25
N LEU A 81 -4.23 -2.06 -2.57
CA LEU A 81 -4.46 -2.10 -1.13
C LEU A 81 -5.80 -2.76 -0.81
N GLU A 82 -6.83 -2.39 -1.55
CA GLU A 82 -8.12 -3.05 -1.39
C GLU A 82 -7.99 -4.54 -1.63
N LEU A 83 -7.15 -4.91 -2.59
CA LEU A 83 -6.89 -6.32 -2.92
C LEU A 83 -6.04 -6.97 -1.82
N LEU A 84 -5.18 -6.20 -1.18
CA LEU A 84 -4.45 -6.67 -0.02
C LEU A 84 -5.41 -7.10 1.09
N ARG A 85 -6.28 -6.22 1.53
CA ARG A 85 -7.21 -6.58 2.60
C ARG A 85 -8.33 -7.48 2.09
N LYS A 86 -8.31 -7.73 0.80
CA LYS A 86 -9.33 -8.58 0.18
C LYS A 86 -8.88 -9.99 0.26
N TYR A 87 -7.57 -10.17 0.23
CA TYR A 87 -7.02 -11.48 0.40
C TYR A 87 -6.03 -11.46 1.53
N VAL A 88 -6.51 -11.02 2.69
CA VAL A 88 -5.73 -11.06 3.90
C VAL A 88 -5.50 -12.49 4.33
N LEU A 89 -6.18 -13.40 3.65
CA LEU A 89 -5.97 -14.83 3.90
C LEU A 89 -4.58 -15.20 3.42
N ALA A 90 -4.02 -14.33 2.58
CA ALA A 90 -2.66 -14.46 2.12
C ALA A 90 -1.69 -14.35 3.30
N SER A 91 -1.96 -13.38 4.16
CA SER A 91 -1.30 -13.24 5.45
C SER A 91 0.16 -12.83 5.30
N GLY A 1 -0.10 -12.77 -12.61
CA GLY A 1 -1.39 -13.40 -13.01
C GLY A 1 -2.52 -12.40 -13.10
N SER A 2 -3.70 -12.89 -13.42
CA SER A 2 -4.88 -12.08 -13.66
C SER A 2 -5.19 -11.15 -12.48
N HIS A 3 -4.84 -9.87 -12.65
CA HIS A 3 -5.12 -8.81 -11.67
C HIS A 3 -4.29 -8.98 -10.39
N MET A 4 -3.59 -10.10 -10.29
CA MET A 4 -2.85 -10.43 -9.09
C MET A 4 -1.38 -10.00 -9.22
N ALA A 5 -1.05 -9.43 -10.37
CA ALA A 5 0.32 -9.03 -10.70
C ALA A 5 0.98 -8.25 -9.56
N ALA A 6 0.35 -7.15 -9.16
CA ALA A 6 0.89 -6.31 -8.09
C ALA A 6 0.86 -7.04 -6.76
N LEU A 7 -0.17 -7.85 -6.55
CA LEU A 7 -0.37 -8.51 -5.27
C LEU A 7 0.68 -9.58 -5.02
N GLU A 8 0.81 -10.51 -5.95
CA GLU A 8 1.75 -11.63 -5.80
C GLU A 8 3.17 -11.12 -5.66
N GLY A 9 3.47 -10.04 -6.35
CA GLY A 9 4.76 -9.41 -6.22
C GLY A 9 5.01 -8.88 -4.82
N TYR A 10 4.08 -8.07 -4.31
CA TYR A 10 4.28 -7.43 -3.02
C TYR A 10 4.22 -8.44 -1.87
N ARG A 11 3.30 -9.40 -1.93
CA ARG A 11 3.22 -10.45 -0.91
C ARG A 11 4.51 -11.26 -0.85
N LYS A 12 5.19 -11.43 -1.97
CA LYS A 12 6.48 -12.11 -1.95
C LYS A 12 7.51 -11.26 -1.21
N GLU A 13 7.27 -9.95 -1.15
CA GLU A 13 8.11 -9.05 -0.37
C GLU A 13 7.67 -9.07 1.10
N GLN A 14 6.36 -8.92 1.30
CA GLN A 14 5.75 -8.91 2.62
C GLN A 14 6.18 -10.09 3.48
N GLU A 15 6.03 -11.31 2.97
CA GLU A 15 6.34 -12.51 3.75
C GLU A 15 7.82 -12.57 4.10
N ARG A 16 8.63 -11.94 3.27
CA ARG A 16 10.07 -11.85 3.49
C ARG A 16 10.40 -10.85 4.60
N LEU A 17 9.45 -9.99 4.94
CA LEU A 17 9.72 -8.88 5.85
C LEU A 17 8.78 -8.90 7.06
N GLY A 18 7.71 -9.69 7.00
CA GLY A 18 6.77 -9.74 8.08
C GLY A 18 5.61 -8.79 7.88
N ILE A 19 5.64 -8.08 6.75
CA ILE A 19 4.62 -7.06 6.44
C ILE A 19 3.23 -7.69 6.35
N PRO A 20 2.28 -7.18 7.14
CA PRO A 20 0.90 -7.68 7.13
C PRO A 20 0.14 -7.25 5.89
N TYR A 21 -0.86 -8.03 5.54
CA TYR A 21 -1.66 -7.82 4.35
C TYR A 21 -2.65 -6.67 4.51
N ASP A 22 -3.18 -6.50 5.71
CA ASP A 22 -4.15 -5.44 5.96
C ASP A 22 -3.43 -4.14 6.35
N PRO A 23 -3.88 -3.02 5.77
CA PRO A 23 -3.20 -1.71 5.90
C PRO A 23 -3.20 -1.17 7.31
N ILE A 24 -4.25 -1.48 8.05
CA ILE A 24 -4.47 -0.87 9.34
C ILE A 24 -3.42 -1.33 10.36
N HIS A 25 -2.81 -2.49 10.15
CA HIS A 25 -1.81 -2.99 11.10
C HIS A 25 -0.38 -2.67 10.63
N TRP A 26 -0.24 -1.93 9.54
CA TRP A 26 1.09 -1.61 9.02
C TRP A 26 1.87 -0.75 10.02
N SER A 27 3.17 -0.95 10.06
CA SER A 27 4.05 -0.02 10.75
C SER A 27 4.58 0.98 9.75
N THR A 28 4.98 2.16 10.21
CA THR A 28 5.36 3.27 9.33
C THR A 28 6.31 2.83 8.21
N ASP A 29 7.29 2.00 8.56
CA ASP A 29 8.24 1.49 7.58
C ASP A 29 7.51 0.68 6.51
N GLN A 30 6.72 -0.28 6.95
CA GLN A 30 5.95 -1.17 6.07
C GLN A 30 4.90 -0.40 5.26
N VAL A 31 4.35 0.64 5.85
CA VAL A 31 3.45 1.53 5.12
C VAL A 31 4.14 2.04 3.85
N LEU A 32 5.39 2.43 3.99
CA LEU A 32 6.19 2.94 2.88
C LEU A 32 7.06 1.86 2.24
N HIS A 33 7.12 0.66 2.81
CA HIS A 33 7.63 -0.47 2.05
C HIS A 33 6.66 -0.71 0.90
N TRP A 34 5.38 -0.70 1.26
CA TRP A 34 4.28 -0.78 0.30
C TRP A 34 4.37 0.34 -0.72
N VAL A 35 4.28 1.59 -0.29
CA VAL A 35 4.25 2.71 -1.22
C VAL A 35 5.48 2.73 -2.15
N VAL A 36 6.67 2.42 -1.66
CA VAL A 36 7.85 2.41 -2.50
C VAL A 36 7.86 1.23 -3.49
N TRP A 37 7.58 0.05 -2.97
CA TRP A 37 7.51 -1.16 -3.80
C TRP A 37 6.37 -1.04 -4.83
N VAL A 38 5.22 -0.63 -4.38
CA VAL A 38 4.07 -0.54 -5.26
C VAL A 38 4.17 0.66 -6.22
N MET A 39 4.87 1.72 -5.86
CA MET A 39 5.12 2.76 -6.85
C MET A 39 6.12 2.24 -7.89
N LYS A 40 6.90 1.24 -7.50
CA LYS A 40 7.88 0.60 -8.38
C LYS A 40 7.22 -0.20 -9.51
N GLU A 41 6.28 -1.08 -9.18
CA GLU A 41 5.66 -2.00 -10.16
C GLU A 41 5.17 -1.24 -11.41
N PHE A 42 4.34 -0.24 -11.19
CA PHE A 42 3.72 0.53 -12.28
C PHE A 42 4.52 1.78 -12.62
N SER A 43 5.76 1.81 -12.16
CA SER A 43 6.68 2.91 -12.48
C SER A 43 6.07 4.26 -12.12
N MET A 44 5.52 4.33 -10.91
CA MET A 44 4.96 5.56 -10.37
C MET A 44 5.90 6.15 -9.34
N THR A 45 7.20 5.91 -9.46
CA THR A 45 8.18 6.48 -8.53
C THR A 45 8.17 8.01 -8.56
N ASP A 46 7.09 8.58 -8.04
CA ASP A 46 6.82 10.01 -8.04
C ASP A 46 5.57 10.31 -7.20
N ILE A 47 5.30 9.45 -6.22
CA ILE A 47 4.15 9.67 -5.33
C ILE A 47 4.66 10.17 -3.98
N ASP A 48 3.81 10.92 -3.28
CA ASP A 48 4.20 11.55 -2.03
C ASP A 48 4.38 10.55 -0.90
N LEU A 49 5.64 10.26 -0.58
CA LEU A 49 5.97 9.38 0.52
C LEU A 49 5.88 10.12 1.85
N THR A 50 6.25 11.40 1.82
CA THR A 50 6.32 12.22 3.02
C THR A 50 4.96 12.36 3.71
N THR A 51 3.90 12.40 2.92
CA THR A 51 2.55 12.54 3.46
C THR A 51 2.03 11.23 4.01
N LEU A 52 2.63 10.13 3.60
CA LEU A 52 2.21 8.81 4.04
C LEU A 52 3.20 8.26 5.05
N ASN A 53 4.02 9.15 5.61
CA ASN A 53 4.97 8.77 6.64
C ASN A 53 4.25 8.68 7.98
N ILE A 54 3.31 7.75 8.03
CA ILE A 54 2.49 7.52 9.21
C ILE A 54 2.34 6.02 9.43
N SER A 55 1.68 5.63 10.51
CA SER A 55 1.51 4.21 10.79
C SER A 55 0.23 3.68 10.14
N GLY A 56 0.06 2.36 10.15
CA GLY A 56 -1.03 1.74 9.42
C GLY A 56 -2.40 2.23 9.85
N ARG A 57 -2.61 2.36 11.15
CA ARG A 57 -3.90 2.77 11.68
C ARG A 57 -4.25 4.16 11.18
N GLU A 58 -3.23 4.97 10.93
CA GLU A 58 -3.41 6.32 10.42
C GLU A 58 -3.69 6.25 8.92
N LEU A 59 -2.89 5.47 8.22
CA LEU A 59 -3.02 5.28 6.77
C LEU A 59 -4.42 4.82 6.40
N CYS A 60 -4.87 3.74 7.03
CA CYS A 60 -6.13 3.12 6.66
C CYS A 60 -7.33 3.97 7.08
N SER A 61 -7.11 4.90 7.99
CA SER A 61 -8.20 5.71 8.52
C SER A 61 -8.50 6.95 7.68
N LEU A 62 -7.65 7.29 6.72
CA LEU A 62 -7.91 8.47 5.91
C LEU A 62 -8.65 8.06 4.63
N ASN A 63 -9.66 8.83 4.27
CA ASN A 63 -10.45 8.56 3.06
C ASN A 63 -9.60 8.82 1.84
N GLN A 64 -9.99 8.26 0.70
CA GLN A 64 -9.27 8.46 -0.56
C GLN A 64 -8.98 9.94 -0.79
N GLU A 65 -9.90 10.78 -0.27
CA GLU A 65 -9.86 12.23 -0.41
C GLU A 65 -8.66 12.80 0.31
N ASP A 66 -8.50 12.44 1.58
CA ASP A 66 -7.34 12.90 2.34
C ASP A 66 -6.05 12.46 1.69
N PHE A 67 -6.09 11.31 1.02
CA PHE A 67 -4.90 10.86 0.29
C PHE A 67 -4.74 11.69 -0.97
N PHE A 68 -5.84 11.87 -1.70
CA PHE A 68 -5.79 12.50 -3.01
C PHE A 68 -5.52 13.99 -2.90
N GLN A 69 -5.49 14.52 -1.69
CA GLN A 69 -5.06 15.89 -1.50
C GLN A 69 -3.58 15.92 -1.19
N ARG A 70 -3.16 15.03 -0.29
CA ARG A 70 -1.75 14.85 0.04
C ARG A 70 -0.97 14.41 -1.20
N VAL A 71 -1.67 13.68 -2.08
CA VAL A 71 -1.07 12.94 -3.20
C VAL A 71 -2.21 12.33 -4.04
N PRO A 72 -2.66 13.03 -5.08
CA PRO A 72 -3.84 12.63 -5.86
C PRO A 72 -3.55 11.53 -6.87
N ARG A 73 -2.30 11.33 -7.19
CA ARG A 73 -1.94 10.37 -8.22
C ARG A 73 -1.60 8.98 -7.66
N GLY A 74 -2.22 8.57 -6.56
CA GLY A 74 -1.94 7.25 -6.01
C GLY A 74 -3.12 6.30 -6.03
N GLU A 75 -4.04 6.51 -6.97
CA GLU A 75 -5.22 5.64 -7.16
C GLU A 75 -4.85 4.17 -7.34
N ILE A 76 -3.78 3.91 -8.06
CA ILE A 76 -3.35 2.54 -8.35
C ILE A 76 -2.86 1.85 -7.07
N LEU A 77 -2.32 2.65 -6.15
CA LEU A 77 -1.84 2.14 -4.87
C LEU A 77 -3.00 1.51 -4.10
N TRP A 78 -4.02 2.31 -3.89
CA TRP A 78 -5.20 1.91 -3.13
C TRP A 78 -5.89 0.69 -3.70
N SER A 79 -5.86 0.59 -5.02
CA SER A 79 -6.46 -0.53 -5.71
C SER A 79 -5.80 -1.84 -5.27
N HIS A 80 -4.47 -1.82 -5.23
CA HIS A 80 -3.70 -2.96 -4.75
C HIS A 80 -3.95 -3.16 -3.25
N LEU A 81 -4.23 -2.06 -2.57
CA LEU A 81 -4.46 -2.10 -1.13
C LEU A 81 -5.80 -2.76 -0.81
N GLU A 82 -6.83 -2.39 -1.55
CA GLU A 82 -8.12 -3.05 -1.39
C GLU A 82 -7.99 -4.54 -1.63
N LEU A 83 -7.15 -4.91 -2.59
CA LEU A 83 -6.89 -6.32 -2.92
C LEU A 83 -6.04 -6.97 -1.82
N LEU A 84 -5.18 -6.20 -1.18
CA LEU A 84 -4.45 -6.67 -0.02
C LEU A 84 -5.41 -7.10 1.09
N ARG A 85 -6.28 -6.22 1.53
CA ARG A 85 -7.21 -6.58 2.60
C ARG A 85 -8.33 -7.48 2.09
N LYS A 86 -8.31 -7.73 0.80
CA LYS A 86 -9.33 -8.58 0.18
C LYS A 86 -8.88 -9.99 0.26
N TYR A 87 -7.57 -10.17 0.23
CA TYR A 87 -7.02 -11.48 0.40
C TYR A 87 -6.03 -11.46 1.53
N VAL A 88 -6.51 -11.02 2.69
CA VAL A 88 -5.73 -11.06 3.90
C VAL A 88 -5.50 -12.49 4.33
N LEU A 89 -6.18 -13.40 3.65
CA LEU A 89 -5.97 -14.83 3.90
C LEU A 89 -4.58 -15.20 3.42
N ALA A 90 -4.02 -14.33 2.58
CA ALA A 90 -2.66 -14.46 2.12
C ALA A 90 -1.69 -14.35 3.30
N SER A 91 -1.96 -13.38 4.16
CA SER A 91 -1.30 -13.24 5.45
C SER A 91 0.16 -12.83 5.30
N GLY A 1 -0.10 -12.77 -12.61
CA GLY A 1 -1.39 -13.40 -13.01
C GLY A 1 -2.52 -12.40 -13.10
N SER A 2 -3.70 -12.89 -13.42
CA SER A 2 -4.88 -12.08 -13.66
C SER A 2 -5.19 -11.15 -12.48
N HIS A 3 -4.84 -9.87 -12.65
CA HIS A 3 -5.12 -8.81 -11.67
C HIS A 3 -4.29 -8.98 -10.39
N MET A 4 -3.59 -10.10 -10.29
CA MET A 4 -2.85 -10.43 -9.09
C MET A 4 -1.38 -10.00 -9.22
N ALA A 5 -1.05 -9.43 -10.37
CA ALA A 5 0.32 -9.03 -10.70
C ALA A 5 0.98 -8.25 -9.56
N ALA A 6 0.35 -7.15 -9.16
CA ALA A 6 0.89 -6.31 -8.09
C ALA A 6 0.86 -7.04 -6.76
N LEU A 7 -0.17 -7.85 -6.55
CA LEU A 7 -0.37 -8.51 -5.27
C LEU A 7 0.68 -9.58 -5.02
N GLU A 8 0.81 -10.51 -5.95
CA GLU A 8 1.75 -11.63 -5.80
C GLU A 8 3.17 -11.12 -5.66
N GLY A 9 3.47 -10.04 -6.35
CA GLY A 9 4.76 -9.41 -6.22
C GLY A 9 5.01 -8.88 -4.82
N TYR A 10 4.08 -8.07 -4.31
CA TYR A 10 4.28 -7.43 -3.02
C TYR A 10 4.22 -8.44 -1.87
N ARG A 11 3.30 -9.40 -1.93
CA ARG A 11 3.22 -10.45 -0.91
C ARG A 11 4.51 -11.26 -0.85
N LYS A 12 5.19 -11.43 -1.97
CA LYS A 12 6.48 -12.11 -1.95
C LYS A 12 7.51 -11.26 -1.21
N GLU A 13 7.27 -9.95 -1.15
CA GLU A 13 8.11 -9.05 -0.37
C GLU A 13 7.67 -9.07 1.10
N GLN A 14 6.36 -8.92 1.30
CA GLN A 14 5.75 -8.91 2.62
C GLN A 14 6.18 -10.09 3.48
N GLU A 15 6.03 -11.31 2.97
CA GLU A 15 6.34 -12.51 3.75
C GLU A 15 7.82 -12.57 4.10
N ARG A 16 8.63 -11.94 3.27
CA ARG A 16 10.07 -11.85 3.49
C ARG A 16 10.40 -10.85 4.60
N LEU A 17 9.45 -9.99 4.94
CA LEU A 17 9.72 -8.88 5.85
C LEU A 17 8.78 -8.90 7.06
N GLY A 18 7.71 -9.69 7.00
CA GLY A 18 6.77 -9.74 8.08
C GLY A 18 5.61 -8.79 7.88
N ILE A 19 5.64 -8.08 6.75
CA ILE A 19 4.62 -7.06 6.44
C ILE A 19 3.23 -7.69 6.35
N PRO A 20 2.28 -7.18 7.14
CA PRO A 20 0.90 -7.68 7.13
C PRO A 20 0.14 -7.25 5.89
N TYR A 21 -0.86 -8.03 5.54
CA TYR A 21 -1.66 -7.82 4.35
C TYR A 21 -2.65 -6.67 4.51
N ASP A 22 -3.18 -6.50 5.71
CA ASP A 22 -4.15 -5.44 5.96
C ASP A 22 -3.43 -4.14 6.35
N PRO A 23 -3.88 -3.02 5.77
CA PRO A 23 -3.20 -1.71 5.90
C PRO A 23 -3.20 -1.17 7.31
N ILE A 24 -4.25 -1.48 8.05
CA ILE A 24 -4.47 -0.87 9.34
C ILE A 24 -3.42 -1.33 10.36
N HIS A 25 -2.81 -2.49 10.15
CA HIS A 25 -1.81 -2.99 11.10
C HIS A 25 -0.38 -2.67 10.63
N TRP A 26 -0.24 -1.93 9.54
CA TRP A 26 1.09 -1.61 9.02
C TRP A 26 1.87 -0.75 10.02
N SER A 27 3.17 -0.95 10.06
CA SER A 27 4.05 -0.02 10.75
C SER A 27 4.58 0.98 9.75
N THR A 28 4.98 2.16 10.21
CA THR A 28 5.36 3.27 9.33
C THR A 28 6.31 2.83 8.21
N ASP A 29 7.29 2.00 8.56
CA ASP A 29 8.24 1.49 7.58
C ASP A 29 7.51 0.68 6.51
N GLN A 30 6.72 -0.28 6.95
CA GLN A 30 5.95 -1.17 6.07
C GLN A 30 4.90 -0.40 5.26
N VAL A 31 4.35 0.64 5.85
CA VAL A 31 3.45 1.53 5.12
C VAL A 31 4.14 2.04 3.85
N LEU A 32 5.39 2.43 3.99
CA LEU A 32 6.19 2.94 2.88
C LEU A 32 7.06 1.86 2.24
N HIS A 33 7.12 0.66 2.81
CA HIS A 33 7.63 -0.47 2.05
C HIS A 33 6.66 -0.71 0.90
N TRP A 34 5.38 -0.70 1.26
CA TRP A 34 4.28 -0.78 0.30
C TRP A 34 4.37 0.34 -0.72
N VAL A 35 4.28 1.59 -0.29
CA VAL A 35 4.25 2.71 -1.22
C VAL A 35 5.48 2.73 -2.15
N VAL A 36 6.67 2.42 -1.66
CA VAL A 36 7.85 2.41 -2.50
C VAL A 36 7.86 1.23 -3.49
N TRP A 37 7.58 0.05 -2.97
CA TRP A 37 7.51 -1.16 -3.80
C TRP A 37 6.37 -1.04 -4.83
N VAL A 38 5.22 -0.63 -4.38
CA VAL A 38 4.07 -0.54 -5.26
C VAL A 38 4.17 0.66 -6.22
N MET A 39 4.87 1.72 -5.86
CA MET A 39 5.12 2.76 -6.85
C MET A 39 6.12 2.24 -7.89
N LYS A 40 6.90 1.24 -7.50
CA LYS A 40 7.88 0.60 -8.38
C LYS A 40 7.22 -0.20 -9.51
N GLU A 41 6.28 -1.08 -9.18
CA GLU A 41 5.66 -2.00 -10.16
C GLU A 41 5.17 -1.24 -11.41
N PHE A 42 4.34 -0.24 -11.19
CA PHE A 42 3.72 0.53 -12.28
C PHE A 42 4.52 1.78 -12.62
N SER A 43 5.76 1.81 -12.16
CA SER A 43 6.68 2.91 -12.48
C SER A 43 6.07 4.26 -12.12
N MET A 44 5.52 4.33 -10.91
CA MET A 44 4.96 5.56 -10.37
C MET A 44 5.90 6.15 -9.34
N THR A 45 7.20 5.91 -9.46
CA THR A 45 8.18 6.48 -8.53
C THR A 45 8.17 8.01 -8.56
N ASP A 46 7.09 8.58 -8.04
CA ASP A 46 6.82 10.01 -8.04
C ASP A 46 5.57 10.31 -7.20
N ILE A 47 5.30 9.45 -6.22
CA ILE A 47 4.15 9.67 -5.33
C ILE A 47 4.66 10.17 -3.98
N ASP A 48 3.81 10.92 -3.28
CA ASP A 48 4.20 11.55 -2.03
C ASP A 48 4.38 10.55 -0.90
N LEU A 49 5.64 10.26 -0.58
CA LEU A 49 5.97 9.38 0.52
C LEU A 49 5.88 10.12 1.85
N THR A 50 6.25 11.40 1.82
CA THR A 50 6.32 12.22 3.02
C THR A 50 4.96 12.36 3.71
N THR A 51 3.90 12.40 2.92
CA THR A 51 2.55 12.54 3.46
C THR A 51 2.03 11.23 4.01
N LEU A 52 2.63 10.13 3.60
CA LEU A 52 2.21 8.81 4.04
C LEU A 52 3.20 8.26 5.05
N ASN A 53 4.02 9.15 5.61
CA ASN A 53 4.97 8.77 6.64
C ASN A 53 4.25 8.68 7.98
N ILE A 54 3.31 7.75 8.03
CA ILE A 54 2.49 7.52 9.21
C ILE A 54 2.34 6.02 9.43
N SER A 55 1.68 5.63 10.51
CA SER A 55 1.51 4.21 10.79
C SER A 55 0.23 3.68 10.14
N GLY A 56 0.06 2.36 10.15
CA GLY A 56 -1.03 1.74 9.42
C GLY A 56 -2.40 2.23 9.85
N ARG A 57 -2.61 2.36 11.15
CA ARG A 57 -3.90 2.77 11.68
C ARG A 57 -4.25 4.16 11.18
N GLU A 58 -3.23 4.97 10.93
CA GLU A 58 -3.41 6.32 10.42
C GLU A 58 -3.69 6.25 8.92
N LEU A 59 -2.89 5.47 8.22
CA LEU A 59 -3.02 5.28 6.77
C LEU A 59 -4.42 4.82 6.40
N CYS A 60 -4.87 3.74 7.03
CA CYS A 60 -6.13 3.12 6.66
C CYS A 60 -7.33 3.97 7.08
N SER A 61 -7.11 4.90 7.99
CA SER A 61 -8.20 5.71 8.52
C SER A 61 -8.50 6.95 7.68
N LEU A 62 -7.65 7.29 6.72
CA LEU A 62 -7.91 8.47 5.91
C LEU A 62 -8.65 8.06 4.63
N ASN A 63 -9.66 8.83 4.27
CA ASN A 63 -10.45 8.56 3.06
C ASN A 63 -9.60 8.82 1.84
N GLN A 64 -9.99 8.26 0.70
CA GLN A 64 -9.27 8.46 -0.56
C GLN A 64 -8.98 9.94 -0.79
N GLU A 65 -9.90 10.78 -0.27
CA GLU A 65 -9.86 12.23 -0.41
C GLU A 65 -8.66 12.80 0.31
N ASP A 66 -8.50 12.44 1.58
CA ASP A 66 -7.34 12.90 2.34
C ASP A 66 -6.05 12.46 1.69
N PHE A 67 -6.09 11.31 1.02
CA PHE A 67 -4.90 10.86 0.29
C PHE A 67 -4.74 11.69 -0.97
N PHE A 68 -5.84 11.87 -1.70
CA PHE A 68 -5.79 12.50 -3.01
C PHE A 68 -5.52 13.99 -2.90
N GLN A 69 -5.49 14.52 -1.69
CA GLN A 69 -5.06 15.89 -1.50
C GLN A 69 -3.58 15.92 -1.19
N ARG A 70 -3.16 15.03 -0.29
CA ARG A 70 -1.75 14.85 0.04
C ARG A 70 -0.97 14.41 -1.20
N VAL A 71 -1.67 13.68 -2.08
CA VAL A 71 -1.07 12.94 -3.20
C VAL A 71 -2.21 12.33 -4.04
N PRO A 72 -2.66 13.03 -5.08
CA PRO A 72 -3.84 12.63 -5.86
C PRO A 72 -3.55 11.53 -6.87
N ARG A 73 -2.30 11.33 -7.19
CA ARG A 73 -1.94 10.37 -8.22
C ARG A 73 -1.60 8.98 -7.66
N GLY A 74 -2.22 8.57 -6.56
CA GLY A 74 -1.94 7.25 -6.01
C GLY A 74 -3.12 6.30 -6.03
N GLU A 75 -4.04 6.51 -6.97
CA GLU A 75 -5.22 5.64 -7.16
C GLU A 75 -4.85 4.17 -7.34
N ILE A 76 -3.78 3.91 -8.06
CA ILE A 76 -3.35 2.54 -8.35
C ILE A 76 -2.86 1.85 -7.07
N LEU A 77 -2.32 2.65 -6.15
CA LEU A 77 -1.84 2.14 -4.87
C LEU A 77 -3.00 1.51 -4.10
N TRP A 78 -4.02 2.31 -3.89
CA TRP A 78 -5.20 1.91 -3.13
C TRP A 78 -5.89 0.69 -3.70
N SER A 79 -5.86 0.59 -5.02
CA SER A 79 -6.46 -0.53 -5.71
C SER A 79 -5.80 -1.84 -5.27
N HIS A 80 -4.47 -1.82 -5.23
CA HIS A 80 -3.70 -2.96 -4.75
C HIS A 80 -3.95 -3.16 -3.25
N LEU A 81 -4.23 -2.06 -2.57
CA LEU A 81 -4.46 -2.10 -1.13
C LEU A 81 -5.80 -2.76 -0.81
N GLU A 82 -6.83 -2.39 -1.55
CA GLU A 82 -8.12 -3.05 -1.39
C GLU A 82 -7.99 -4.54 -1.63
N LEU A 83 -7.15 -4.91 -2.59
CA LEU A 83 -6.89 -6.32 -2.92
C LEU A 83 -6.04 -6.97 -1.82
N LEU A 84 -5.18 -6.20 -1.18
CA LEU A 84 -4.45 -6.67 -0.02
C LEU A 84 -5.41 -7.10 1.09
N ARG A 85 -6.28 -6.22 1.53
CA ARG A 85 -7.21 -6.58 2.60
C ARG A 85 -8.33 -7.48 2.09
N LYS A 86 -8.31 -7.73 0.80
CA LYS A 86 -9.33 -8.58 0.18
C LYS A 86 -8.88 -9.99 0.26
N TYR A 87 -7.57 -10.17 0.23
CA TYR A 87 -7.02 -11.48 0.40
C TYR A 87 -6.03 -11.46 1.53
N VAL A 88 -6.51 -11.02 2.69
CA VAL A 88 -5.73 -11.06 3.90
C VAL A 88 -5.50 -12.49 4.33
N LEU A 89 -6.18 -13.40 3.65
CA LEU A 89 -5.97 -14.83 3.90
C LEU A 89 -4.58 -15.20 3.42
N ALA A 90 -4.02 -14.33 2.58
CA ALA A 90 -2.66 -14.46 2.12
C ALA A 90 -1.69 -14.35 3.30
N SER A 91 -1.96 -13.38 4.16
CA SER A 91 -1.30 -13.24 5.45
C SER A 91 0.16 -12.83 5.30
N GLY A 1 -0.10 -12.77 -12.61
CA GLY A 1 -1.39 -13.40 -13.01
C GLY A 1 -2.52 -12.40 -13.10
N SER A 2 -3.70 -12.89 -13.42
CA SER A 2 -4.88 -12.08 -13.66
C SER A 2 -5.19 -11.15 -12.48
N HIS A 3 -4.84 -9.87 -12.65
CA HIS A 3 -5.12 -8.81 -11.67
C HIS A 3 -4.29 -8.98 -10.39
N MET A 4 -3.59 -10.10 -10.29
CA MET A 4 -2.85 -10.43 -9.09
C MET A 4 -1.38 -10.00 -9.22
N ALA A 5 -1.05 -9.43 -10.37
CA ALA A 5 0.32 -9.03 -10.70
C ALA A 5 0.98 -8.25 -9.56
N ALA A 6 0.35 -7.15 -9.16
CA ALA A 6 0.89 -6.31 -8.09
C ALA A 6 0.86 -7.04 -6.76
N LEU A 7 -0.17 -7.85 -6.55
CA LEU A 7 -0.37 -8.51 -5.27
C LEU A 7 0.68 -9.58 -5.02
N GLU A 8 0.81 -10.51 -5.95
CA GLU A 8 1.75 -11.63 -5.80
C GLU A 8 3.17 -11.12 -5.66
N GLY A 9 3.47 -10.04 -6.35
CA GLY A 9 4.76 -9.41 -6.22
C GLY A 9 5.01 -8.88 -4.82
N TYR A 10 4.08 -8.07 -4.31
CA TYR A 10 4.28 -7.43 -3.02
C TYR A 10 4.22 -8.44 -1.87
N ARG A 11 3.30 -9.40 -1.93
CA ARG A 11 3.22 -10.45 -0.91
C ARG A 11 4.51 -11.26 -0.85
N LYS A 12 5.19 -11.43 -1.97
CA LYS A 12 6.48 -12.11 -1.95
C LYS A 12 7.51 -11.26 -1.21
N GLU A 13 7.27 -9.95 -1.15
CA GLU A 13 8.11 -9.05 -0.37
C GLU A 13 7.67 -9.07 1.10
N GLN A 14 6.36 -8.92 1.30
CA GLN A 14 5.75 -8.91 2.62
C GLN A 14 6.18 -10.09 3.48
N GLU A 15 6.03 -11.31 2.97
CA GLU A 15 6.34 -12.51 3.75
C GLU A 15 7.82 -12.57 4.10
N ARG A 16 8.63 -11.94 3.27
CA ARG A 16 10.07 -11.85 3.49
C ARG A 16 10.40 -10.85 4.60
N LEU A 17 9.45 -9.99 4.94
CA LEU A 17 9.72 -8.88 5.85
C LEU A 17 8.78 -8.90 7.06
N GLY A 18 7.71 -9.69 7.00
CA GLY A 18 6.77 -9.74 8.08
C GLY A 18 5.61 -8.79 7.88
N ILE A 19 5.64 -8.08 6.75
CA ILE A 19 4.62 -7.06 6.44
C ILE A 19 3.23 -7.69 6.35
N PRO A 20 2.28 -7.18 7.14
CA PRO A 20 0.90 -7.68 7.13
C PRO A 20 0.14 -7.25 5.89
N TYR A 21 -0.86 -8.03 5.54
CA TYR A 21 -1.66 -7.82 4.35
C TYR A 21 -2.65 -6.67 4.51
N ASP A 22 -3.18 -6.50 5.71
CA ASP A 22 -4.15 -5.44 5.96
C ASP A 22 -3.43 -4.14 6.35
N PRO A 23 -3.88 -3.02 5.77
CA PRO A 23 -3.20 -1.71 5.90
C PRO A 23 -3.20 -1.17 7.31
N ILE A 24 -4.25 -1.48 8.05
CA ILE A 24 -4.47 -0.87 9.34
C ILE A 24 -3.42 -1.33 10.36
N HIS A 25 -2.81 -2.49 10.15
CA HIS A 25 -1.81 -2.99 11.10
C HIS A 25 -0.38 -2.67 10.63
N TRP A 26 -0.24 -1.93 9.54
CA TRP A 26 1.09 -1.61 9.02
C TRP A 26 1.87 -0.75 10.02
N SER A 27 3.17 -0.95 10.06
CA SER A 27 4.05 -0.02 10.75
C SER A 27 4.58 0.98 9.75
N THR A 28 4.98 2.16 10.21
CA THR A 28 5.36 3.27 9.33
C THR A 28 6.31 2.83 8.21
N ASP A 29 7.29 2.00 8.56
CA ASP A 29 8.24 1.49 7.58
C ASP A 29 7.51 0.68 6.51
N GLN A 30 6.72 -0.28 6.95
CA GLN A 30 5.95 -1.17 6.07
C GLN A 30 4.90 -0.40 5.26
N VAL A 31 4.35 0.64 5.85
CA VAL A 31 3.45 1.53 5.12
C VAL A 31 4.14 2.04 3.85
N LEU A 32 5.39 2.43 3.99
CA LEU A 32 6.19 2.94 2.88
C LEU A 32 7.06 1.86 2.24
N HIS A 33 7.12 0.66 2.81
CA HIS A 33 7.63 -0.47 2.05
C HIS A 33 6.66 -0.71 0.90
N TRP A 34 5.38 -0.70 1.26
CA TRP A 34 4.28 -0.78 0.30
C TRP A 34 4.37 0.34 -0.72
N VAL A 35 4.28 1.59 -0.29
CA VAL A 35 4.25 2.71 -1.22
C VAL A 35 5.48 2.73 -2.15
N VAL A 36 6.67 2.42 -1.66
CA VAL A 36 7.85 2.41 -2.50
C VAL A 36 7.86 1.23 -3.49
N TRP A 37 7.58 0.05 -2.97
CA TRP A 37 7.51 -1.16 -3.80
C TRP A 37 6.37 -1.04 -4.83
N VAL A 38 5.22 -0.63 -4.38
CA VAL A 38 4.07 -0.54 -5.26
C VAL A 38 4.17 0.66 -6.22
N MET A 39 4.87 1.72 -5.86
CA MET A 39 5.12 2.76 -6.85
C MET A 39 6.12 2.24 -7.89
N LYS A 40 6.90 1.24 -7.50
CA LYS A 40 7.88 0.60 -8.38
C LYS A 40 7.22 -0.20 -9.51
N GLU A 41 6.28 -1.08 -9.18
CA GLU A 41 5.66 -2.00 -10.16
C GLU A 41 5.17 -1.24 -11.41
N PHE A 42 4.34 -0.24 -11.19
CA PHE A 42 3.72 0.53 -12.28
C PHE A 42 4.52 1.78 -12.62
N SER A 43 5.76 1.81 -12.16
CA SER A 43 6.68 2.91 -12.48
C SER A 43 6.07 4.26 -12.12
N MET A 44 5.52 4.33 -10.91
CA MET A 44 4.96 5.56 -10.37
C MET A 44 5.90 6.15 -9.34
N THR A 45 7.20 5.91 -9.46
CA THR A 45 8.18 6.48 -8.53
C THR A 45 8.17 8.01 -8.56
N ASP A 46 7.09 8.58 -8.04
CA ASP A 46 6.82 10.01 -8.04
C ASP A 46 5.57 10.31 -7.20
N ILE A 47 5.30 9.45 -6.22
CA ILE A 47 4.15 9.67 -5.33
C ILE A 47 4.66 10.17 -3.98
N ASP A 48 3.81 10.92 -3.28
CA ASP A 48 4.20 11.55 -2.03
C ASP A 48 4.38 10.55 -0.90
N LEU A 49 5.64 10.26 -0.58
CA LEU A 49 5.97 9.38 0.52
C LEU A 49 5.88 10.12 1.85
N THR A 50 6.25 11.40 1.82
CA THR A 50 6.32 12.22 3.02
C THR A 50 4.96 12.36 3.71
N THR A 51 3.90 12.40 2.92
CA THR A 51 2.55 12.54 3.46
C THR A 51 2.03 11.23 4.01
N LEU A 52 2.63 10.13 3.60
CA LEU A 52 2.21 8.81 4.04
C LEU A 52 3.20 8.26 5.05
N ASN A 53 4.02 9.15 5.61
CA ASN A 53 4.97 8.77 6.64
C ASN A 53 4.25 8.68 7.98
N ILE A 54 3.31 7.75 8.03
CA ILE A 54 2.49 7.52 9.21
C ILE A 54 2.34 6.02 9.43
N SER A 55 1.68 5.63 10.51
CA SER A 55 1.51 4.21 10.79
C SER A 55 0.23 3.68 10.14
N GLY A 56 0.06 2.36 10.15
CA GLY A 56 -1.03 1.74 9.42
C GLY A 56 -2.40 2.23 9.85
N ARG A 57 -2.61 2.36 11.15
CA ARG A 57 -3.90 2.77 11.68
C ARG A 57 -4.25 4.16 11.18
N GLU A 58 -3.23 4.97 10.93
CA GLU A 58 -3.41 6.32 10.42
C GLU A 58 -3.69 6.25 8.92
N LEU A 59 -2.89 5.47 8.22
CA LEU A 59 -3.02 5.28 6.77
C LEU A 59 -4.42 4.82 6.40
N CYS A 60 -4.87 3.74 7.03
CA CYS A 60 -6.13 3.12 6.66
C CYS A 60 -7.33 3.97 7.08
N SER A 61 -7.11 4.90 7.99
CA SER A 61 -8.20 5.71 8.52
C SER A 61 -8.50 6.95 7.68
N LEU A 62 -7.65 7.29 6.72
CA LEU A 62 -7.91 8.47 5.91
C LEU A 62 -8.65 8.06 4.63
N ASN A 63 -9.66 8.83 4.27
CA ASN A 63 -10.45 8.56 3.06
C ASN A 63 -9.60 8.82 1.84
N GLN A 64 -9.99 8.26 0.70
CA GLN A 64 -9.27 8.46 -0.56
C GLN A 64 -8.98 9.94 -0.79
N GLU A 65 -9.90 10.78 -0.27
CA GLU A 65 -9.86 12.23 -0.41
C GLU A 65 -8.66 12.80 0.31
N ASP A 66 -8.50 12.44 1.58
CA ASP A 66 -7.34 12.90 2.34
C ASP A 66 -6.05 12.46 1.69
N PHE A 67 -6.09 11.31 1.02
CA PHE A 67 -4.90 10.86 0.29
C PHE A 67 -4.74 11.69 -0.97
N PHE A 68 -5.84 11.87 -1.70
CA PHE A 68 -5.79 12.50 -3.01
C PHE A 68 -5.52 13.99 -2.90
N GLN A 69 -5.49 14.52 -1.69
CA GLN A 69 -5.06 15.89 -1.50
C GLN A 69 -3.58 15.92 -1.19
N ARG A 70 -3.16 15.03 -0.29
CA ARG A 70 -1.75 14.85 0.04
C ARG A 70 -0.97 14.41 -1.20
N VAL A 71 -1.67 13.68 -2.08
CA VAL A 71 -1.07 12.94 -3.20
C VAL A 71 -2.21 12.33 -4.04
N PRO A 72 -2.66 13.03 -5.08
CA PRO A 72 -3.84 12.63 -5.86
C PRO A 72 -3.55 11.53 -6.87
N ARG A 73 -2.30 11.33 -7.19
CA ARG A 73 -1.94 10.37 -8.22
C ARG A 73 -1.60 8.98 -7.66
N GLY A 74 -2.22 8.57 -6.56
CA GLY A 74 -1.94 7.25 -6.01
C GLY A 74 -3.12 6.30 -6.03
N GLU A 75 -4.04 6.51 -6.97
CA GLU A 75 -5.22 5.64 -7.16
C GLU A 75 -4.85 4.17 -7.34
N ILE A 76 -3.78 3.91 -8.06
CA ILE A 76 -3.35 2.54 -8.35
C ILE A 76 -2.86 1.85 -7.07
N LEU A 77 -2.32 2.65 -6.15
CA LEU A 77 -1.84 2.14 -4.87
C LEU A 77 -3.00 1.51 -4.10
N TRP A 78 -4.02 2.31 -3.89
CA TRP A 78 -5.20 1.91 -3.13
C TRP A 78 -5.89 0.69 -3.70
N SER A 79 -5.86 0.59 -5.02
CA SER A 79 -6.46 -0.53 -5.71
C SER A 79 -5.80 -1.84 -5.27
N HIS A 80 -4.47 -1.82 -5.23
CA HIS A 80 -3.70 -2.96 -4.75
C HIS A 80 -3.95 -3.16 -3.25
N LEU A 81 -4.23 -2.06 -2.57
CA LEU A 81 -4.46 -2.10 -1.13
C LEU A 81 -5.80 -2.76 -0.81
N GLU A 82 -6.83 -2.39 -1.55
CA GLU A 82 -8.12 -3.05 -1.39
C GLU A 82 -7.99 -4.54 -1.63
N LEU A 83 -7.15 -4.91 -2.59
CA LEU A 83 -6.89 -6.32 -2.92
C LEU A 83 -6.04 -6.97 -1.82
N LEU A 84 -5.18 -6.20 -1.18
CA LEU A 84 -4.45 -6.67 -0.02
C LEU A 84 -5.41 -7.10 1.09
N ARG A 85 -6.28 -6.22 1.53
CA ARG A 85 -7.21 -6.58 2.60
C ARG A 85 -8.33 -7.48 2.09
N LYS A 86 -8.31 -7.73 0.80
CA LYS A 86 -9.33 -8.58 0.18
C LYS A 86 -8.88 -9.99 0.26
N TYR A 87 -7.57 -10.17 0.23
CA TYR A 87 -7.02 -11.48 0.40
C TYR A 87 -6.03 -11.46 1.53
N VAL A 88 -6.51 -11.02 2.69
CA VAL A 88 -5.73 -11.06 3.90
C VAL A 88 -5.50 -12.49 4.33
N LEU A 89 -6.18 -13.40 3.65
CA LEU A 89 -5.97 -14.83 3.90
C LEU A 89 -4.58 -15.20 3.42
N ALA A 90 -4.02 -14.33 2.58
CA ALA A 90 -2.66 -14.46 2.12
C ALA A 90 -1.69 -14.35 3.30
N SER A 91 -1.96 -13.38 4.16
CA SER A 91 -1.30 -13.24 5.45
C SER A 91 0.16 -12.83 5.30
N GLY A 1 -0.10 -12.77 -12.61
CA GLY A 1 -1.39 -13.40 -13.01
C GLY A 1 -2.52 -12.40 -13.10
N SER A 2 -3.70 -12.89 -13.42
CA SER A 2 -4.88 -12.08 -13.66
C SER A 2 -5.19 -11.15 -12.48
N HIS A 3 -4.84 -9.87 -12.65
CA HIS A 3 -5.12 -8.81 -11.67
C HIS A 3 -4.29 -8.98 -10.39
N MET A 4 -3.59 -10.10 -10.29
CA MET A 4 -2.85 -10.43 -9.09
C MET A 4 -1.38 -10.00 -9.22
N ALA A 5 -1.05 -9.43 -10.37
CA ALA A 5 0.32 -9.03 -10.70
C ALA A 5 0.98 -8.25 -9.56
N ALA A 6 0.35 -7.15 -9.16
CA ALA A 6 0.89 -6.31 -8.09
C ALA A 6 0.86 -7.04 -6.76
N LEU A 7 -0.17 -7.85 -6.55
CA LEU A 7 -0.37 -8.51 -5.27
C LEU A 7 0.68 -9.58 -5.02
N GLU A 8 0.81 -10.51 -5.95
CA GLU A 8 1.75 -11.63 -5.80
C GLU A 8 3.17 -11.12 -5.66
N GLY A 9 3.47 -10.04 -6.35
CA GLY A 9 4.76 -9.41 -6.22
C GLY A 9 5.01 -8.88 -4.82
N TYR A 10 4.08 -8.07 -4.31
CA TYR A 10 4.28 -7.43 -3.02
C TYR A 10 4.22 -8.44 -1.87
N ARG A 11 3.30 -9.40 -1.93
CA ARG A 11 3.22 -10.45 -0.91
C ARG A 11 4.51 -11.26 -0.85
N LYS A 12 5.19 -11.43 -1.97
CA LYS A 12 6.48 -12.11 -1.95
C LYS A 12 7.51 -11.26 -1.21
N GLU A 13 7.27 -9.95 -1.15
CA GLU A 13 8.11 -9.05 -0.37
C GLU A 13 7.67 -9.07 1.10
N GLN A 14 6.36 -8.92 1.30
CA GLN A 14 5.75 -8.91 2.62
C GLN A 14 6.18 -10.09 3.48
N GLU A 15 6.03 -11.31 2.97
CA GLU A 15 6.34 -12.51 3.75
C GLU A 15 7.82 -12.57 4.10
N ARG A 16 8.63 -11.94 3.27
CA ARG A 16 10.07 -11.85 3.49
C ARG A 16 10.40 -10.85 4.60
N LEU A 17 9.45 -9.99 4.94
CA LEU A 17 9.72 -8.88 5.85
C LEU A 17 8.78 -8.90 7.06
N GLY A 18 7.71 -9.69 7.00
CA GLY A 18 6.77 -9.74 8.08
C GLY A 18 5.61 -8.79 7.88
N ILE A 19 5.64 -8.08 6.75
CA ILE A 19 4.62 -7.06 6.44
C ILE A 19 3.23 -7.69 6.35
N PRO A 20 2.28 -7.18 7.14
CA PRO A 20 0.90 -7.68 7.13
C PRO A 20 0.14 -7.25 5.89
N TYR A 21 -0.86 -8.03 5.54
CA TYR A 21 -1.66 -7.82 4.35
C TYR A 21 -2.65 -6.67 4.51
N ASP A 22 -3.18 -6.50 5.71
CA ASP A 22 -4.15 -5.44 5.96
C ASP A 22 -3.43 -4.14 6.35
N PRO A 23 -3.88 -3.02 5.77
CA PRO A 23 -3.20 -1.71 5.90
C PRO A 23 -3.20 -1.17 7.31
N ILE A 24 -4.25 -1.48 8.05
CA ILE A 24 -4.47 -0.87 9.34
C ILE A 24 -3.42 -1.33 10.36
N HIS A 25 -2.81 -2.49 10.15
CA HIS A 25 -1.81 -2.99 11.10
C HIS A 25 -0.38 -2.67 10.63
N TRP A 26 -0.24 -1.93 9.54
CA TRP A 26 1.09 -1.61 9.02
C TRP A 26 1.87 -0.75 10.02
N SER A 27 3.17 -0.95 10.06
CA SER A 27 4.05 -0.02 10.75
C SER A 27 4.58 0.98 9.75
N THR A 28 4.98 2.16 10.21
CA THR A 28 5.36 3.27 9.33
C THR A 28 6.31 2.83 8.21
N ASP A 29 7.29 2.00 8.56
CA ASP A 29 8.24 1.49 7.58
C ASP A 29 7.51 0.68 6.51
N GLN A 30 6.72 -0.28 6.95
CA GLN A 30 5.95 -1.17 6.07
C GLN A 30 4.90 -0.40 5.26
N VAL A 31 4.35 0.64 5.85
CA VAL A 31 3.45 1.53 5.12
C VAL A 31 4.14 2.04 3.85
N LEU A 32 5.39 2.43 3.99
CA LEU A 32 6.19 2.94 2.88
C LEU A 32 7.06 1.86 2.24
N HIS A 33 7.12 0.66 2.81
CA HIS A 33 7.63 -0.47 2.05
C HIS A 33 6.66 -0.71 0.90
N TRP A 34 5.38 -0.70 1.26
CA TRP A 34 4.28 -0.78 0.30
C TRP A 34 4.37 0.34 -0.72
N VAL A 35 4.28 1.59 -0.29
CA VAL A 35 4.25 2.71 -1.22
C VAL A 35 5.48 2.73 -2.15
N VAL A 36 6.67 2.42 -1.66
CA VAL A 36 7.85 2.41 -2.50
C VAL A 36 7.86 1.23 -3.49
N TRP A 37 7.58 0.05 -2.97
CA TRP A 37 7.51 -1.16 -3.80
C TRP A 37 6.37 -1.04 -4.83
N VAL A 38 5.22 -0.63 -4.38
CA VAL A 38 4.07 -0.54 -5.26
C VAL A 38 4.17 0.66 -6.22
N MET A 39 4.87 1.72 -5.86
CA MET A 39 5.12 2.76 -6.85
C MET A 39 6.12 2.24 -7.89
N LYS A 40 6.90 1.24 -7.50
CA LYS A 40 7.88 0.60 -8.38
C LYS A 40 7.22 -0.20 -9.51
N GLU A 41 6.28 -1.08 -9.18
CA GLU A 41 5.66 -2.00 -10.16
C GLU A 41 5.17 -1.24 -11.41
N PHE A 42 4.34 -0.24 -11.19
CA PHE A 42 3.72 0.53 -12.28
C PHE A 42 4.52 1.78 -12.62
N SER A 43 5.76 1.81 -12.16
CA SER A 43 6.68 2.91 -12.48
C SER A 43 6.07 4.26 -12.12
N MET A 44 5.52 4.33 -10.91
CA MET A 44 4.96 5.56 -10.37
C MET A 44 5.90 6.15 -9.34
N THR A 45 7.20 5.91 -9.46
CA THR A 45 8.18 6.48 -8.53
C THR A 45 8.17 8.01 -8.56
N ASP A 46 7.09 8.58 -8.04
CA ASP A 46 6.82 10.01 -8.04
C ASP A 46 5.57 10.31 -7.20
N ILE A 47 5.30 9.45 -6.22
CA ILE A 47 4.15 9.67 -5.33
C ILE A 47 4.66 10.17 -3.98
N ASP A 48 3.81 10.92 -3.28
CA ASP A 48 4.20 11.55 -2.03
C ASP A 48 4.38 10.55 -0.90
N LEU A 49 5.64 10.26 -0.58
CA LEU A 49 5.97 9.38 0.52
C LEU A 49 5.88 10.12 1.85
N THR A 50 6.25 11.40 1.82
CA THR A 50 6.32 12.22 3.02
C THR A 50 4.96 12.36 3.71
N THR A 51 3.90 12.40 2.92
CA THR A 51 2.55 12.54 3.46
C THR A 51 2.03 11.23 4.01
N LEU A 52 2.63 10.13 3.60
CA LEU A 52 2.21 8.81 4.04
C LEU A 52 3.20 8.26 5.05
N ASN A 53 4.02 9.15 5.61
CA ASN A 53 4.97 8.77 6.64
C ASN A 53 4.25 8.68 7.98
N ILE A 54 3.31 7.75 8.03
CA ILE A 54 2.49 7.52 9.21
C ILE A 54 2.34 6.02 9.43
N SER A 55 1.68 5.63 10.51
CA SER A 55 1.51 4.21 10.79
C SER A 55 0.23 3.68 10.14
N GLY A 56 0.06 2.36 10.15
CA GLY A 56 -1.03 1.74 9.42
C GLY A 56 -2.40 2.23 9.85
N ARG A 57 -2.61 2.36 11.15
CA ARG A 57 -3.90 2.77 11.68
C ARG A 57 -4.25 4.16 11.18
N GLU A 58 -3.23 4.97 10.93
CA GLU A 58 -3.41 6.32 10.42
C GLU A 58 -3.69 6.25 8.92
N LEU A 59 -2.89 5.47 8.22
CA LEU A 59 -3.02 5.28 6.77
C LEU A 59 -4.42 4.82 6.40
N CYS A 60 -4.87 3.74 7.03
CA CYS A 60 -6.13 3.12 6.66
C CYS A 60 -7.33 3.97 7.08
N SER A 61 -7.11 4.90 7.99
CA SER A 61 -8.20 5.71 8.52
C SER A 61 -8.50 6.95 7.68
N LEU A 62 -7.65 7.29 6.72
CA LEU A 62 -7.91 8.47 5.91
C LEU A 62 -8.65 8.06 4.63
N ASN A 63 -9.66 8.83 4.27
CA ASN A 63 -10.45 8.56 3.06
C ASN A 63 -9.60 8.82 1.84
N GLN A 64 -9.99 8.26 0.70
CA GLN A 64 -9.27 8.46 -0.56
C GLN A 64 -8.98 9.94 -0.79
N GLU A 65 -9.90 10.78 -0.27
CA GLU A 65 -9.86 12.23 -0.41
C GLU A 65 -8.66 12.80 0.31
N ASP A 66 -8.50 12.44 1.58
CA ASP A 66 -7.34 12.90 2.34
C ASP A 66 -6.05 12.46 1.69
N PHE A 67 -6.09 11.31 1.02
CA PHE A 67 -4.90 10.86 0.29
C PHE A 67 -4.74 11.69 -0.97
N PHE A 68 -5.84 11.87 -1.70
CA PHE A 68 -5.79 12.50 -3.01
C PHE A 68 -5.52 13.99 -2.90
N GLN A 69 -5.49 14.52 -1.69
CA GLN A 69 -5.06 15.89 -1.50
C GLN A 69 -3.58 15.92 -1.19
N ARG A 70 -3.16 15.03 -0.29
CA ARG A 70 -1.75 14.85 0.04
C ARG A 70 -0.97 14.41 -1.20
N VAL A 71 -1.67 13.68 -2.08
CA VAL A 71 -1.07 12.94 -3.20
C VAL A 71 -2.21 12.33 -4.04
N PRO A 72 -2.66 13.03 -5.08
CA PRO A 72 -3.84 12.63 -5.86
C PRO A 72 -3.55 11.53 -6.87
N ARG A 73 -2.30 11.33 -7.19
CA ARG A 73 -1.94 10.37 -8.22
C ARG A 73 -1.60 8.98 -7.66
N GLY A 74 -2.22 8.57 -6.56
CA GLY A 74 -1.94 7.25 -6.01
C GLY A 74 -3.12 6.30 -6.03
N GLU A 75 -4.04 6.51 -6.97
CA GLU A 75 -5.22 5.64 -7.16
C GLU A 75 -4.85 4.17 -7.34
N ILE A 76 -3.78 3.91 -8.06
CA ILE A 76 -3.35 2.54 -8.35
C ILE A 76 -2.86 1.85 -7.07
N LEU A 77 -2.32 2.65 -6.15
CA LEU A 77 -1.84 2.14 -4.87
C LEU A 77 -3.00 1.51 -4.10
N TRP A 78 -4.02 2.31 -3.89
CA TRP A 78 -5.20 1.91 -3.13
C TRP A 78 -5.89 0.69 -3.70
N SER A 79 -5.86 0.59 -5.02
CA SER A 79 -6.46 -0.53 -5.71
C SER A 79 -5.80 -1.84 -5.27
N HIS A 80 -4.47 -1.82 -5.23
CA HIS A 80 -3.70 -2.96 -4.75
C HIS A 80 -3.95 -3.16 -3.25
N LEU A 81 -4.23 -2.06 -2.57
CA LEU A 81 -4.46 -2.10 -1.13
C LEU A 81 -5.80 -2.76 -0.81
N GLU A 82 -6.83 -2.39 -1.55
CA GLU A 82 -8.12 -3.05 -1.39
C GLU A 82 -7.99 -4.54 -1.63
N LEU A 83 -7.15 -4.91 -2.59
CA LEU A 83 -6.89 -6.32 -2.92
C LEU A 83 -6.04 -6.97 -1.82
N LEU A 84 -5.18 -6.20 -1.18
CA LEU A 84 -4.45 -6.67 -0.02
C LEU A 84 -5.41 -7.10 1.09
N ARG A 85 -6.28 -6.22 1.53
CA ARG A 85 -7.21 -6.58 2.60
C ARG A 85 -8.33 -7.48 2.09
N LYS A 86 -8.31 -7.73 0.80
CA LYS A 86 -9.33 -8.58 0.18
C LYS A 86 -8.88 -9.99 0.26
N TYR A 87 -7.57 -10.17 0.23
CA TYR A 87 -7.02 -11.48 0.40
C TYR A 87 -6.03 -11.46 1.53
N VAL A 88 -6.51 -11.02 2.69
CA VAL A 88 -5.73 -11.06 3.90
C VAL A 88 -5.50 -12.49 4.33
N LEU A 89 -6.18 -13.40 3.65
CA LEU A 89 -5.97 -14.83 3.90
C LEU A 89 -4.58 -15.20 3.42
N ALA A 90 -4.02 -14.33 2.58
CA ALA A 90 -2.66 -14.46 2.12
C ALA A 90 -1.69 -14.35 3.30
N SER A 91 -1.96 -13.38 4.16
CA SER A 91 -1.30 -13.24 5.45
C SER A 91 0.16 -12.83 5.30
N GLY A 1 -8.78 -2.71 -12.12
CA GLY A 1 -7.61 -2.99 -11.24
C GLY A 1 -7.59 -4.43 -10.76
N SER A 2 -8.05 -5.34 -11.61
CA SER A 2 -8.13 -6.75 -11.24
C SER A 2 -6.86 -7.48 -11.66
N HIS A 3 -5.72 -7.00 -11.18
CA HIS A 3 -4.43 -7.60 -11.50
C HIS A 3 -3.79 -8.18 -10.25
N MET A 4 -3.25 -9.38 -10.38
CA MET A 4 -2.63 -10.05 -9.25
C MET A 4 -1.11 -9.84 -9.28
N ALA A 5 -0.63 -9.25 -10.38
CA ALA A 5 0.80 -8.98 -10.55
C ALA A 5 1.35 -8.18 -9.38
N ALA A 6 0.67 -7.11 -9.03
CA ALA A 6 1.05 -6.28 -7.91
C ALA A 6 0.95 -7.07 -6.61
N LEU A 7 -0.13 -7.84 -6.49
CA LEU A 7 -0.39 -8.59 -5.26
C LEU A 7 0.69 -9.62 -5.00
N GLU A 8 0.84 -10.57 -5.92
CA GLU A 8 1.78 -11.67 -5.73
C GLU A 8 3.20 -11.13 -5.52
N GLY A 9 3.50 -10.04 -6.23
CA GLY A 9 4.79 -9.40 -6.10
C GLY A 9 5.03 -8.84 -4.72
N TYR A 10 4.13 -7.98 -4.26
CA TYR A 10 4.30 -7.35 -2.97
C TYR A 10 4.12 -8.36 -1.85
N ARG A 11 3.18 -9.28 -2.01
CA ARG A 11 3.00 -10.38 -1.08
C ARG A 11 4.29 -11.19 -0.94
N LYS A 12 4.99 -11.42 -2.03
CA LYS A 12 6.25 -12.15 -1.95
C LYS A 12 7.28 -11.31 -1.19
N GLU A 13 7.06 -10.00 -1.14
CA GLU A 13 7.90 -9.10 -0.37
C GLU A 13 7.48 -9.15 1.10
N GLN A 14 6.18 -9.00 1.33
CA GLN A 14 5.59 -8.99 2.68
C GLN A 14 6.01 -10.19 3.50
N GLU A 15 5.76 -11.39 2.99
CA GLU A 15 6.00 -12.61 3.76
C GLU A 15 7.47 -12.76 4.17
N ARG A 16 8.37 -12.20 3.37
CA ARG A 16 9.80 -12.28 3.67
C ARG A 16 10.19 -11.23 4.70
N LEU A 17 9.28 -10.31 4.99
CA LEU A 17 9.58 -9.16 5.85
C LEU A 17 8.65 -9.08 7.06
N GLY A 18 7.54 -9.82 7.01
CA GLY A 18 6.60 -9.80 8.12
C GLY A 18 5.49 -8.79 7.93
N ILE A 19 5.53 -8.09 6.80
CA ILE A 19 4.54 -7.05 6.49
C ILE A 19 3.14 -7.66 6.39
N PRO A 20 2.16 -7.08 7.09
CA PRO A 20 0.78 -7.55 7.05
C PRO A 20 0.07 -7.13 5.77
N TYR A 21 -0.87 -7.95 5.35
CA TYR A 21 -1.69 -7.69 4.17
C TYR A 21 -2.61 -6.50 4.39
N ASP A 22 -3.15 -6.39 5.59
CA ASP A 22 -4.16 -5.38 5.89
C ASP A 22 -3.48 -4.09 6.32
N PRO A 23 -3.90 -2.96 5.70
CA PRO A 23 -3.19 -1.68 5.81
C PRO A 23 -3.14 -1.12 7.22
N ILE A 24 -4.15 -1.42 8.02
CA ILE A 24 -4.28 -0.82 9.34
C ILE A 24 -3.12 -1.20 10.27
N HIS A 25 -2.53 -2.38 10.09
CA HIS A 25 -1.49 -2.82 11.02
C HIS A 25 -0.09 -2.45 10.53
N TRP A 26 0.00 -1.70 9.44
CA TRP A 26 1.32 -1.33 8.92
C TRP A 26 2.02 -0.38 9.88
N SER A 27 3.34 -0.51 9.96
CA SER A 27 4.15 0.47 10.65
C SER A 27 4.70 1.45 9.63
N THR A 28 5.11 2.63 10.09
CA THR A 28 5.53 3.72 9.21
C THR A 28 6.47 3.25 8.09
N ASP A 29 7.44 2.42 8.45
CA ASP A 29 8.39 1.90 7.48
C ASP A 29 7.70 1.02 6.44
N GLN A 30 6.86 0.10 6.90
CA GLN A 30 6.14 -0.83 6.03
C GLN A 30 5.04 -0.13 5.23
N VAL A 31 4.48 0.92 5.79
CA VAL A 31 3.55 1.76 5.03
C VAL A 31 4.22 2.23 3.73
N LEU A 32 5.48 2.65 3.85
CA LEU A 32 6.26 3.09 2.70
C LEU A 32 7.11 1.95 2.12
N HIS A 33 7.16 0.79 2.76
CA HIS A 33 7.67 -0.39 2.06
C HIS A 33 6.71 -0.70 0.92
N TRP A 34 5.42 -0.70 1.28
CA TRP A 34 4.33 -0.81 0.31
C TRP A 34 4.39 0.31 -0.71
N VAL A 35 4.40 1.56 -0.28
CA VAL A 35 4.42 2.66 -1.21
C VAL A 35 5.64 2.63 -2.14
N VAL A 36 6.83 2.33 -1.63
CA VAL A 36 8.01 2.29 -2.50
C VAL A 36 7.94 1.11 -3.48
N TRP A 37 7.67 -0.07 -2.95
CA TRP A 37 7.58 -1.28 -3.77
C TRP A 37 6.44 -1.18 -4.78
N VAL A 38 5.25 -0.84 -4.33
CA VAL A 38 4.09 -0.82 -5.20
C VAL A 38 4.12 0.38 -6.16
N MET A 39 4.67 1.51 -5.76
CA MET A 39 4.84 2.59 -6.71
C MET A 39 5.84 2.18 -7.82
N LYS A 40 6.72 1.23 -7.49
CA LYS A 40 7.67 0.65 -8.45
C LYS A 40 6.96 -0.16 -9.55
N GLU A 41 6.07 -1.08 -9.18
CA GLU A 41 5.45 -2.01 -10.13
C GLU A 41 4.93 -1.30 -11.38
N PHE A 42 4.15 -0.25 -11.19
CA PHE A 42 3.53 0.49 -12.27
C PHE A 42 4.32 1.75 -12.61
N SER A 43 5.58 1.74 -12.20
CA SER A 43 6.55 2.77 -12.58
C SER A 43 6.05 4.16 -12.24
N MET A 44 5.55 4.30 -11.01
CA MET A 44 5.19 5.58 -10.45
C MET A 44 6.40 6.20 -9.78
N THR A 45 6.20 7.39 -9.20
CA THR A 45 7.27 8.14 -8.57
C THR A 45 6.74 9.48 -8.08
N ASP A 46 5.61 9.89 -8.64
CA ASP A 46 4.98 11.14 -8.28
C ASP A 46 4.30 11.04 -6.92
N ILE A 47 3.97 9.81 -6.53
CA ILE A 47 3.25 9.58 -5.28
C ILE A 47 4.11 10.01 -4.09
N ASP A 48 3.49 10.80 -3.22
CA ASP A 48 4.18 11.47 -2.12
C ASP A 48 4.59 10.51 -1.02
N LEU A 49 5.85 10.09 -1.05
CA LEU A 49 6.42 9.26 0.01
C LEU A 49 6.42 9.99 1.35
N THR A 50 6.86 11.24 1.33
CA THR A 50 7.08 12.01 2.54
C THR A 50 5.78 12.51 3.17
N THR A 51 4.66 12.26 2.52
CA THR A 51 3.37 12.68 3.06
C THR A 51 2.62 11.48 3.63
N LEU A 52 3.20 10.29 3.47
CA LEU A 52 2.61 9.07 4.00
C LEU A 52 3.51 8.48 5.08
N ASN A 53 4.28 9.34 5.73
CA ASN A 53 5.12 8.91 6.86
C ASN A 53 4.27 8.73 8.12
N ILE A 54 3.21 7.95 7.96
CA ILE A 54 2.29 7.64 9.03
C ILE A 54 2.23 6.14 9.22
N SER A 55 1.50 5.69 10.22
CA SER A 55 1.33 4.27 10.43
C SER A 55 0.08 3.77 9.73
N GLY A 56 -0.19 2.47 9.80
CA GLY A 56 -1.29 1.90 9.06
C GLY A 56 -2.65 2.37 9.55
N ARG A 57 -2.84 2.46 10.86
CA ARG A 57 -4.13 2.79 11.43
C ARG A 57 -4.59 4.18 11.01
N GLU A 58 -3.66 5.11 10.86
CA GLU A 58 -3.98 6.43 10.35
C GLU A 58 -4.16 6.39 8.84
N LEU A 59 -3.33 5.61 8.15
CA LEU A 59 -3.41 5.44 6.71
C LEU A 59 -4.78 4.87 6.32
N CYS A 60 -5.18 3.80 6.98
CA CYS A 60 -6.44 3.15 6.67
C CYS A 60 -7.63 3.96 7.16
N SER A 61 -7.39 4.87 8.10
CA SER A 61 -8.47 5.65 8.67
C SER A 61 -8.73 6.93 7.87
N LEU A 62 -7.84 7.28 6.95
CA LEU A 62 -8.06 8.46 6.15
C LEU A 62 -8.80 8.08 4.87
N ASN A 63 -9.79 8.89 4.50
CA ASN A 63 -10.60 8.63 3.34
C ASN A 63 -9.83 9.05 2.09
N GLN A 64 -10.17 8.48 0.92
CA GLN A 64 -9.42 8.69 -0.32
C GLN A 64 -9.03 10.15 -0.52
N GLU A 65 -9.91 11.04 -0.06
CA GLU A 65 -9.75 12.48 -0.21
C GLU A 65 -8.51 12.93 0.53
N ASP A 66 -8.40 12.53 1.79
CA ASP A 66 -7.23 12.90 2.58
C ASP A 66 -5.96 12.39 1.93
N PHE A 67 -6.02 11.24 1.29
CA PHE A 67 -4.85 10.75 0.58
C PHE A 67 -4.63 11.59 -0.65
N PHE A 68 -5.70 11.83 -1.42
CA PHE A 68 -5.57 12.47 -2.73
C PHE A 68 -5.18 13.92 -2.60
N GLN A 69 -5.26 14.48 -1.40
CA GLN A 69 -4.78 15.83 -1.19
C GLN A 69 -3.30 15.80 -0.83
N ARG A 70 -2.96 14.88 0.08
CA ARG A 70 -1.59 14.62 0.46
C ARG A 70 -0.78 14.13 -0.74
N VAL A 71 -1.48 13.45 -1.66
CA VAL A 71 -0.90 12.74 -2.79
C VAL A 71 -2.03 12.19 -3.67
N PRO A 72 -2.35 12.87 -4.76
CA PRO A 72 -3.50 12.52 -5.61
C PRO A 72 -3.22 11.38 -6.58
N ARG A 73 -1.97 11.17 -6.94
CA ARG A 73 -1.62 10.21 -7.97
C ARG A 73 -1.37 8.80 -7.42
N GLY A 74 -2.05 8.43 -6.35
CA GLY A 74 -1.85 7.09 -5.80
C GLY A 74 -3.07 6.20 -5.92
N GLU A 75 -3.92 6.46 -6.92
CA GLU A 75 -5.12 5.65 -7.18
C GLU A 75 -4.78 4.17 -7.35
N ILE A 76 -3.72 3.91 -8.09
CA ILE A 76 -3.32 2.54 -8.41
C ILE A 76 -2.83 1.81 -7.13
N LEU A 77 -2.27 2.59 -6.21
CA LEU A 77 -1.82 2.06 -4.93
C LEU A 77 -2.99 1.43 -4.17
N TRP A 78 -4.04 2.21 -4.01
CA TRP A 78 -5.23 1.79 -3.28
C TRP A 78 -5.87 0.55 -3.87
N SER A 79 -5.77 0.45 -5.18
CA SER A 79 -6.35 -0.66 -5.91
C SER A 79 -5.73 -1.98 -5.45
N HIS A 80 -4.41 -2.01 -5.41
CA HIS A 80 -3.69 -3.18 -4.93
C HIS A 80 -3.95 -3.37 -3.44
N LEU A 81 -4.18 -2.27 -2.75
CA LEU A 81 -4.40 -2.33 -1.31
C LEU A 81 -5.74 -2.99 -1.00
N GLU A 82 -6.76 -2.67 -1.79
CA GLU A 82 -8.02 -3.37 -1.66
C GLU A 82 -7.80 -4.87 -1.83
N LEU A 83 -7.03 -5.23 -2.86
CA LEU A 83 -6.77 -6.63 -3.18
C LEU A 83 -5.92 -7.30 -2.10
N LEU A 84 -5.04 -6.53 -1.48
CA LEU A 84 -4.31 -7.00 -0.30
C LEU A 84 -5.26 -7.45 0.80
N ARG A 85 -6.05 -6.54 1.33
CA ARG A 85 -6.85 -6.88 2.51
C ARG A 85 -8.01 -7.82 2.15
N LYS A 86 -8.34 -7.88 0.86
CA LYS A 86 -9.37 -8.78 0.37
C LYS A 86 -8.89 -10.23 0.35
N TYR A 87 -7.63 -10.41 0.01
CA TYR A 87 -7.10 -11.75 -0.23
C TYR A 87 -6.21 -12.21 0.91
N VAL A 88 -6.63 -11.87 2.13
CA VAL A 88 -5.98 -12.33 3.34
C VAL A 88 -7.05 -12.57 4.41
N LEU A 89 -8.31 -12.41 3.99
CA LEU A 89 -9.45 -12.45 4.90
C LEU A 89 -9.35 -11.33 5.92
N ALA A 90 -8.74 -10.22 5.50
CA ALA A 90 -8.52 -9.05 6.35
C ALA A 90 -7.87 -9.43 7.68
N SER A 91 -6.57 -9.74 7.61
CA SER A 91 -5.79 -10.18 8.77
C SER A 91 -6.21 -11.58 9.20
N GLY A 1 -5.61 -14.98 -10.64
CA GLY A 1 -5.92 -13.55 -10.79
C GLY A 1 -5.02 -12.87 -11.80
N SER A 2 -5.62 -12.10 -12.70
CA SER A 2 -4.86 -11.40 -13.73
C SER A 2 -4.27 -10.10 -13.18
N HIS A 3 -4.99 -9.47 -12.26
CA HIS A 3 -4.52 -8.24 -11.61
C HIS A 3 -3.83 -8.60 -10.30
N MET A 4 -3.42 -9.84 -10.20
CA MET A 4 -2.81 -10.35 -8.98
C MET A 4 -1.28 -10.26 -9.07
N ALA A 5 -0.79 -9.69 -10.16
CA ALA A 5 0.64 -9.53 -10.39
C ALA A 5 1.28 -8.69 -9.30
N ALA A 6 0.70 -7.52 -9.04
CA ALA A 6 1.18 -6.64 -7.99
C ALA A 6 1.05 -7.32 -6.63
N LEU A 7 0.01 -8.14 -6.48
CA LEU A 7 -0.27 -8.78 -5.20
C LEU A 7 0.80 -9.82 -4.88
N GLU A 8 0.99 -10.79 -5.78
CA GLU A 8 1.97 -11.84 -5.57
C GLU A 8 3.36 -11.25 -5.40
N GLY A 9 3.61 -10.17 -6.13
CA GLY A 9 4.87 -9.48 -6.01
C GLY A 9 5.08 -8.92 -4.62
N TYR A 10 4.13 -8.13 -4.14
CA TYR A 10 4.26 -7.50 -2.84
C TYR A 10 4.15 -8.55 -1.73
N ARG A 11 3.24 -9.52 -1.88
CA ARG A 11 3.14 -10.63 -0.94
C ARG A 11 4.46 -11.37 -0.82
N LYS A 12 5.16 -11.58 -1.93
CA LYS A 12 6.48 -12.21 -1.85
C LYS A 12 7.45 -11.35 -1.05
N GLU A 13 7.19 -10.05 -1.01
CA GLU A 13 8.02 -9.16 -0.20
C GLU A 13 7.55 -9.19 1.25
N GLN A 14 6.24 -9.09 1.45
CA GLN A 14 5.61 -9.15 2.76
C GLN A 14 6.07 -10.36 3.56
N GLU A 15 5.86 -11.55 3.03
CA GLU A 15 6.18 -12.78 3.76
C GLU A 15 7.67 -12.85 4.08
N ARG A 16 8.48 -12.24 3.22
CA ARG A 16 9.93 -12.19 3.40
C ARG A 16 10.32 -11.29 4.58
N LEU A 17 9.48 -10.32 4.88
CA LEU A 17 9.83 -9.26 5.82
C LEU A 17 8.87 -9.19 7.01
N GLY A 18 7.78 -9.94 6.96
CA GLY A 18 6.85 -9.96 8.06
C GLY A 18 5.75 -8.92 7.90
N ILE A 19 5.82 -8.18 6.79
CA ILE A 19 4.87 -7.11 6.51
C ILE A 19 3.45 -7.65 6.42
N PRO A 20 2.51 -7.11 7.21
CA PRO A 20 1.12 -7.55 7.22
C PRO A 20 0.39 -7.17 5.93
N TYR A 21 -0.52 -8.04 5.53
CA TYR A 21 -1.37 -7.82 4.38
C TYR A 21 -2.34 -6.68 4.62
N ASP A 22 -2.76 -6.55 5.87
CA ASP A 22 -3.79 -5.59 6.27
C ASP A 22 -3.18 -4.22 6.49
N PRO A 23 -3.72 -3.19 5.81
CA PRO A 23 -3.21 -1.82 5.87
C PRO A 23 -3.19 -1.24 7.27
N ILE A 24 -4.20 -1.57 8.06
CA ILE A 24 -4.36 -0.99 9.38
C ILE A 24 -3.21 -1.34 10.32
N HIS A 25 -2.56 -2.48 10.11
CA HIS A 25 -1.48 -2.89 11.00
C HIS A 25 -0.10 -2.55 10.45
N TRP A 26 -0.04 -1.77 9.35
CA TRP A 26 1.27 -1.39 8.82
C TRP A 26 1.99 -0.47 9.79
N SER A 27 3.30 -0.59 9.85
CA SER A 27 4.09 0.39 10.57
C SER A 27 4.69 1.35 9.56
N THR A 28 5.16 2.50 10.05
CA THR A 28 5.65 3.59 9.22
C THR A 28 6.54 3.10 8.08
N ASP A 29 7.52 2.26 8.42
CA ASP A 29 8.48 1.73 7.45
C ASP A 29 7.77 0.89 6.39
N GLN A 30 6.88 0.00 6.84
CA GLN A 30 6.13 -0.90 5.95
C GLN A 30 5.06 -0.18 5.13
N VAL A 31 4.45 0.86 5.68
CA VAL A 31 3.54 1.68 4.90
C VAL A 31 4.23 2.16 3.62
N LEU A 32 5.50 2.53 3.77
CA LEU A 32 6.31 2.98 2.66
C LEU A 32 7.16 1.85 2.07
N HIS A 33 7.18 0.66 2.65
CA HIS A 33 7.67 -0.49 1.89
C HIS A 33 6.68 -0.80 0.78
N TRP A 34 5.43 -0.54 1.09
CA TRP A 34 4.33 -0.77 0.15
C TRP A 34 4.27 0.35 -0.88
N VAL A 35 4.26 1.60 -0.45
CA VAL A 35 4.21 2.71 -1.39
C VAL A 35 5.44 2.74 -2.32
N VAL A 36 6.63 2.38 -1.81
CA VAL A 36 7.81 2.32 -2.68
C VAL A 36 7.73 1.15 -3.66
N TRP A 37 7.62 -0.05 -3.12
CA TRP A 37 7.57 -1.27 -3.93
C TRP A 37 6.42 -1.23 -4.94
N VAL A 38 5.24 -0.91 -4.48
CA VAL A 38 4.06 -0.92 -5.35
C VAL A 38 4.06 0.27 -6.31
N MET A 39 4.61 1.41 -5.93
CA MET A 39 4.74 2.49 -6.91
C MET A 39 5.74 2.09 -8.01
N LYS A 40 6.62 1.14 -7.66
CA LYS A 40 7.59 0.58 -8.58
C LYS A 40 6.94 -0.28 -9.67
N GLU A 41 5.98 -1.14 -9.32
CA GLU A 41 5.42 -2.08 -10.30
C GLU A 41 4.70 -1.37 -11.45
N PHE A 42 4.29 -0.13 -11.23
CA PHE A 42 3.61 0.66 -12.26
C PHE A 42 4.42 1.90 -12.63
N SER A 43 5.69 1.89 -12.23
CA SER A 43 6.65 2.95 -12.60
C SER A 43 6.11 4.34 -12.29
N MET A 44 5.55 4.45 -11.09
CA MET A 44 5.04 5.71 -10.58
C MET A 44 6.20 6.63 -10.22
N THR A 45 6.95 6.26 -9.19
CA THR A 45 8.09 7.08 -8.72
C THR A 45 7.69 8.54 -8.58
N ASP A 46 6.47 8.77 -8.10
CA ASP A 46 5.90 10.11 -8.07
C ASP A 46 5.17 10.39 -6.77
N ILE A 47 4.40 9.41 -6.33
CA ILE A 47 3.54 9.57 -5.17
C ILE A 47 4.36 9.88 -3.90
N ASP A 48 3.81 10.78 -3.08
CA ASP A 48 4.47 11.26 -1.87
C ASP A 48 4.67 10.16 -0.84
N LEU A 49 5.93 9.95 -0.48
CA LEU A 49 6.28 9.02 0.58
C LEU A 49 6.24 9.72 1.92
N THR A 50 6.79 10.92 1.97
CA THR A 50 6.87 11.70 3.19
C THR A 50 5.48 12.06 3.72
N THR A 51 4.52 12.21 2.83
CA THR A 51 3.18 12.63 3.20
C THR A 51 2.31 11.41 3.54
N LEU A 52 2.96 10.25 3.59
CA LEU A 52 2.31 9.03 4.07
C LEU A 52 3.19 8.38 5.14
N ASN A 53 4.03 9.21 5.76
CA ASN A 53 4.91 8.74 6.83
C ASN A 53 4.13 8.64 8.14
N ILE A 54 3.18 7.73 8.14
CA ILE A 54 2.32 7.49 9.28
C ILE A 54 2.14 5.99 9.47
N SER A 55 1.37 5.59 10.47
CA SER A 55 1.15 4.17 10.70
C SER A 55 -0.09 3.69 9.95
N GLY A 56 -0.28 2.37 9.92
CA GLY A 56 -1.34 1.79 9.11
C GLY A 56 -2.74 2.19 9.55
N ARG A 57 -2.96 2.25 10.86
CA ARG A 57 -4.27 2.58 11.40
C ARG A 57 -4.69 3.96 10.92
N GLU A 58 -3.73 4.85 10.77
CA GLU A 58 -4.00 6.17 10.25
C GLU A 58 -4.13 6.14 8.74
N LEU A 59 -3.28 5.34 8.09
CA LEU A 59 -3.33 5.15 6.64
C LEU A 59 -4.73 4.72 6.22
N CYS A 60 -5.26 3.71 6.88
CA CYS A 60 -6.57 3.19 6.55
C CYS A 60 -7.69 4.12 7.04
N SER A 61 -7.36 5.00 7.98
CA SER A 61 -8.32 5.94 8.54
C SER A 61 -8.68 7.09 7.60
N LEU A 62 -7.81 7.44 6.65
CA LEU A 62 -8.15 8.54 5.77
C LEU A 62 -8.84 8.04 4.52
N ASN A 63 -9.87 8.76 4.11
CA ASN A 63 -10.60 8.42 2.90
C ASN A 63 -9.83 8.92 1.69
N GLN A 64 -10.13 8.35 0.51
CA GLN A 64 -9.36 8.58 -0.72
C GLN A 64 -8.97 10.04 -0.91
N GLU A 65 -9.86 10.94 -0.51
CA GLU A 65 -9.72 12.36 -0.73
C GLU A 65 -8.66 12.95 0.20
N ASP A 66 -8.72 12.58 1.47
CA ASP A 66 -7.67 13.01 2.40
C ASP A 66 -6.30 12.58 1.88
N PHE A 67 -6.26 11.44 1.19
CA PHE A 67 -5.04 11.02 0.52
C PHE A 67 -4.80 11.90 -0.69
N PHE A 68 -5.86 12.14 -1.47
CA PHE A 68 -5.74 12.82 -2.75
C PHE A 68 -5.43 14.30 -2.58
N GLN A 69 -5.36 14.79 -1.35
CA GLN A 69 -4.88 16.15 -1.15
C GLN A 69 -3.40 16.10 -0.84
N ARG A 70 -3.03 15.21 0.08
CA ARG A 70 -1.65 14.98 0.48
C ARG A 70 -0.82 14.48 -0.70
N VAL A 71 -1.48 13.74 -1.58
CA VAL A 71 -0.89 13.03 -2.72
C VAL A 71 -2.01 12.36 -3.49
N PRO A 72 -2.49 12.99 -4.56
CA PRO A 72 -3.59 12.43 -5.35
C PRO A 72 -3.19 11.28 -6.25
N ARG A 73 -1.91 11.17 -6.56
CA ARG A 73 -1.47 10.27 -7.61
C ARG A 73 -1.20 8.86 -7.11
N GLY A 74 -1.94 8.43 -6.10
CA GLY A 74 -1.76 7.07 -5.62
C GLY A 74 -2.99 6.20 -5.78
N GLU A 75 -3.83 6.50 -6.78
CA GLU A 75 -5.06 5.72 -7.03
C GLU A 75 -4.77 4.23 -7.25
N ILE A 76 -3.72 3.96 -8.03
CA ILE A 76 -3.36 2.59 -8.38
C ILE A 76 -2.87 1.86 -7.13
N LEU A 77 -2.30 2.62 -6.21
CA LEU A 77 -1.79 2.09 -4.96
C LEU A 77 -2.93 1.57 -4.09
N TRP A 78 -3.91 2.41 -3.85
CA TRP A 78 -5.09 2.06 -3.07
C TRP A 78 -5.82 0.85 -3.62
N SER A 79 -5.82 0.75 -4.95
CA SER A 79 -6.48 -0.35 -5.63
C SER A 79 -5.85 -1.68 -5.22
N HIS A 80 -4.53 -1.74 -5.22
CA HIS A 80 -3.81 -2.93 -4.78
C HIS A 80 -4.00 -3.12 -3.29
N LEU A 81 -4.21 -2.03 -2.59
CA LEU A 81 -4.39 -2.08 -1.14
C LEU A 81 -5.72 -2.76 -0.80
N GLU A 82 -6.77 -2.39 -1.50
CA GLU A 82 -8.04 -3.06 -1.30
C GLU A 82 -7.90 -4.56 -1.61
N LEU A 83 -7.15 -4.87 -2.65
CA LEU A 83 -6.87 -6.26 -3.01
C LEU A 83 -6.04 -6.96 -1.92
N LEU A 84 -5.13 -6.22 -1.31
CA LEU A 84 -4.41 -6.72 -0.13
C LEU A 84 -5.39 -7.14 0.97
N ARG A 85 -6.24 -6.24 1.41
CA ARG A 85 -7.12 -6.56 2.54
C ARG A 85 -8.26 -7.49 2.12
N LYS A 86 -8.55 -7.55 0.83
CA LYS A 86 -9.57 -8.46 0.32
C LYS A 86 -9.02 -9.89 0.21
N TYR A 87 -7.76 -10.00 -0.15
CA TYR A 87 -7.17 -11.32 -0.45
C TYR A 87 -6.30 -11.80 0.70
N VAL A 88 -6.72 -11.46 1.91
CA VAL A 88 -6.18 -12.03 3.12
C VAL A 88 -7.30 -12.18 4.14
N LEU A 89 -8.50 -11.79 3.71
CA LEU A 89 -9.68 -11.71 4.57
C LEU A 89 -9.44 -10.72 5.71
N ALA A 90 -8.64 -9.69 5.41
CA ALA A 90 -8.28 -8.65 6.36
C ALA A 90 -7.71 -9.22 7.65
N SER A 91 -6.39 -9.44 7.65
CA SER A 91 -5.68 -10.06 8.77
C SER A 91 -6.10 -11.52 8.94
N GLY A 1 -12.11 -8.05 -11.36
CA GLY A 1 -10.96 -8.95 -11.67
C GLY A 1 -9.79 -8.69 -10.75
N SER A 2 -8.61 -9.15 -11.14
CA SER A 2 -7.42 -8.96 -10.34
C SER A 2 -6.20 -8.89 -11.23
N HIS A 3 -5.54 -7.73 -11.22
CA HIS A 3 -4.27 -7.55 -11.93
C HIS A 3 -3.25 -8.56 -11.45
N MET A 4 -3.24 -8.80 -10.14
CA MET A 4 -2.44 -9.84 -9.49
C MET A 4 -0.94 -9.53 -9.49
N ALA A 5 -0.46 -8.88 -10.53
CA ALA A 5 0.96 -8.57 -10.69
C ALA A 5 1.51 -7.86 -9.46
N ALA A 6 0.79 -6.86 -8.98
CA ALA A 6 1.21 -6.12 -7.81
C ALA A 6 1.10 -6.97 -6.55
N LEU A 7 0.10 -7.85 -6.52
CA LEU A 7 -0.16 -8.64 -5.33
C LEU A 7 0.90 -9.71 -5.14
N GLU A 8 1.09 -10.55 -6.15
CA GLU A 8 2.09 -11.63 -6.08
C GLU A 8 3.47 -11.04 -5.79
N GLY A 9 3.70 -9.86 -6.35
CA GLY A 9 4.94 -9.15 -6.12
C GLY A 9 5.08 -8.66 -4.70
N TYR A 10 4.08 -7.97 -4.17
CA TYR A 10 4.20 -7.42 -2.83
C TYR A 10 4.11 -8.53 -1.78
N ARG A 11 3.24 -9.52 -1.99
CA ARG A 11 3.14 -10.66 -1.09
C ARG A 11 4.48 -11.39 -0.94
N LYS A 12 5.23 -11.57 -2.02
CA LYS A 12 6.56 -12.18 -1.87
C LYS A 12 7.48 -11.26 -1.06
N GLU A 13 7.09 -9.99 -0.94
CA GLU A 13 7.86 -9.02 -0.18
C GLU A 13 7.30 -8.91 1.25
N GLN A 14 6.15 -9.52 1.51
CA GLN A 14 5.49 -9.37 2.81
C GLN A 14 5.84 -10.53 3.71
N GLU A 15 5.53 -11.72 3.23
CA GLU A 15 5.73 -12.95 4.01
C GLU A 15 7.21 -13.14 4.39
N ARG A 16 8.10 -12.59 3.57
CA ARG A 16 9.53 -12.69 3.79
C ARG A 16 10.02 -11.67 4.83
N LEU A 17 9.18 -10.70 5.14
CA LEU A 17 9.54 -9.60 6.03
C LEU A 17 8.61 -9.49 7.23
N GLY A 18 7.47 -10.17 7.18
CA GLY A 18 6.53 -10.11 8.29
C GLY A 18 5.48 -9.04 8.09
N ILE A 19 5.58 -8.34 6.97
CA ILE A 19 4.64 -7.27 6.63
C ILE A 19 3.22 -7.80 6.51
N PRO A 20 2.27 -7.19 7.24
CA PRO A 20 0.87 -7.59 7.20
C PRO A 20 0.19 -7.17 5.90
N TYR A 21 -0.84 -7.92 5.55
CA TYR A 21 -1.62 -7.66 4.36
C TYR A 21 -2.57 -6.49 4.56
N ASP A 22 -3.13 -6.41 5.76
CA ASP A 22 -4.17 -5.44 6.06
C ASP A 22 -3.54 -4.11 6.47
N PRO A 23 -3.93 -3.02 5.81
CA PRO A 23 -3.26 -1.72 5.90
C PRO A 23 -3.18 -1.16 7.32
N ILE A 24 -4.20 -1.43 8.11
CA ILE A 24 -4.32 -0.82 9.43
C ILE A 24 -3.19 -1.24 10.38
N HIS A 25 -2.58 -2.41 10.17
CA HIS A 25 -1.54 -2.87 11.09
C HIS A 25 -0.14 -2.51 10.61
N TRP A 26 -0.01 -1.73 9.54
CA TRP A 26 1.30 -1.38 9.02
C TRP A 26 2.05 -0.47 10.01
N SER A 27 3.36 -0.62 10.04
CA SER A 27 4.21 0.34 10.71
C SER A 27 4.77 1.29 9.67
N THR A 28 5.15 2.50 10.07
CA THR A 28 5.56 3.56 9.14
C THR A 28 6.51 3.04 8.04
N ASP A 29 7.53 2.28 8.45
CA ASP A 29 8.51 1.75 7.52
C ASP A 29 7.86 0.84 6.48
N GLN A 30 6.97 -0.04 6.94
CA GLN A 30 6.23 -0.97 6.08
C GLN A 30 5.13 -0.27 5.28
N VAL A 31 4.55 0.78 5.85
CA VAL A 31 3.61 1.61 5.09
C VAL A 31 4.28 2.08 3.80
N LEU A 32 5.53 2.52 3.93
CA LEU A 32 6.32 2.97 2.78
C LEU A 32 7.15 1.84 2.18
N HIS A 33 7.20 0.66 2.78
CA HIS A 33 7.66 -0.51 2.02
C HIS A 33 6.67 -0.72 0.87
N TRP A 34 5.40 -0.69 1.24
CA TRP A 34 4.30 -0.75 0.29
C TRP A 34 4.36 0.39 -0.71
N VAL A 35 4.31 1.63 -0.24
CA VAL A 35 4.29 2.78 -1.15
C VAL A 35 5.51 2.81 -2.08
N VAL A 36 6.69 2.48 -1.60
CA VAL A 36 7.88 2.48 -2.47
C VAL A 36 7.85 1.30 -3.47
N TRP A 37 7.66 0.10 -2.93
CA TRP A 37 7.62 -1.11 -3.77
C TRP A 37 6.48 -1.03 -4.78
N VAL A 38 5.31 -0.69 -4.33
CA VAL A 38 4.13 -0.70 -5.20
C VAL A 38 4.08 0.53 -6.12
N MET A 39 4.68 1.66 -5.73
CA MET A 39 4.81 2.75 -6.70
C MET A 39 5.76 2.34 -7.81
N LYS A 40 6.64 1.40 -7.49
CA LYS A 40 7.60 0.84 -8.44
C LYS A 40 6.91 -0.04 -9.49
N GLU A 41 5.98 -0.90 -9.09
CA GLU A 41 5.30 -1.83 -10.00
C GLU A 41 4.77 -1.09 -11.25
N PHE A 42 3.96 -0.08 -11.02
CA PHE A 42 3.31 0.67 -12.10
C PHE A 42 4.04 1.97 -12.40
N SER A 43 5.33 1.99 -12.07
CA SER A 43 6.24 3.07 -12.47
C SER A 43 5.69 4.46 -12.15
N MET A 44 5.09 4.59 -10.98
CA MET A 44 4.63 5.88 -10.49
C MET A 44 5.82 6.70 -10.04
N THR A 45 6.52 6.20 -9.03
CA THR A 45 7.78 6.77 -8.55
C THR A 45 7.58 8.10 -7.81
N ASP A 46 6.84 9.01 -8.41
CA ASP A 46 6.61 10.30 -7.81
C ASP A 46 5.27 10.35 -7.10
N ILE A 47 5.18 9.62 -5.99
CA ILE A 47 4.05 9.74 -5.10
C ILE A 47 4.56 10.09 -3.69
N ASP A 48 3.83 10.96 -3.02
CA ASP A 48 4.27 11.55 -1.75
C ASP A 48 4.50 10.51 -0.66
N LEU A 49 5.77 10.29 -0.35
CA LEU A 49 6.16 9.44 0.77
C LEU A 49 6.05 10.24 2.07
N THR A 50 6.22 11.54 1.95
CA THR A 50 6.23 12.44 3.10
C THR A 50 4.86 12.51 3.79
N THR A 51 3.79 12.36 3.03
CA THR A 51 2.45 12.42 3.60
C THR A 51 2.01 11.06 4.10
N LEU A 52 2.58 10.01 3.52
CA LEU A 52 2.27 8.65 3.93
C LEU A 52 3.30 8.17 4.94
N ASN A 53 3.99 9.14 5.54
CA ASN A 53 4.99 8.84 6.56
C ASN A 53 4.30 8.68 7.92
N ILE A 54 3.30 7.83 7.92
CA ILE A 54 2.51 7.55 9.11
C ILE A 54 2.37 6.05 9.29
N SER A 55 1.64 5.63 10.30
CA SER A 55 1.45 4.20 10.54
C SER A 55 0.16 3.70 9.91
N GLY A 56 -0.03 2.38 9.92
CA GLY A 56 -1.15 1.78 9.21
C GLY A 56 -2.50 2.27 9.66
N ARG A 57 -2.73 2.33 10.96
CA ARG A 57 -4.03 2.72 11.50
C ARG A 57 -4.39 4.13 11.07
N GLU A 58 -3.37 4.94 10.83
CA GLU A 58 -3.57 6.32 10.39
C GLU A 58 -3.76 6.35 8.88
N LEU A 59 -2.98 5.54 8.17
CA LEU A 59 -3.11 5.38 6.72
C LEU A 59 -4.53 4.92 6.37
N CYS A 60 -4.96 3.83 6.98
CA CYS A 60 -6.23 3.21 6.63
C CYS A 60 -7.42 4.07 7.09
N SER A 61 -7.19 4.99 8.01
CA SER A 61 -8.25 5.81 8.54
C SER A 61 -8.53 7.07 7.70
N LEU A 62 -7.72 7.34 6.69
CA LEU A 62 -7.99 8.49 5.84
C LEU A 62 -8.70 8.04 4.58
N ASN A 63 -9.72 8.78 4.19
CA ASN A 63 -10.49 8.44 3.00
C ASN A 63 -9.75 8.93 1.77
N GLN A 64 -10.15 8.41 0.59
CA GLN A 64 -9.47 8.67 -0.68
C GLN A 64 -9.05 10.12 -0.83
N GLU A 65 -9.91 11.03 -0.37
CA GLU A 65 -9.73 12.46 -0.52
C GLU A 65 -8.54 12.94 0.29
N ASP A 66 -8.51 12.55 1.56
CA ASP A 66 -7.38 12.93 2.40
C ASP A 66 -6.08 12.45 1.78
N PHE A 67 -6.13 11.30 1.12
CA PHE A 67 -4.95 10.80 0.43
C PHE A 67 -4.70 11.65 -0.81
N PHE A 68 -5.73 11.87 -1.63
CA PHE A 68 -5.58 12.49 -2.93
C PHE A 68 -5.13 13.94 -2.80
N GLN A 69 -5.39 14.57 -1.67
CA GLN A 69 -4.93 15.93 -1.48
C GLN A 69 -3.44 15.91 -1.11
N ARG A 70 -3.11 15.01 -0.18
CA ARG A 70 -1.73 14.76 0.22
C ARG A 70 -0.90 14.25 -0.96
N VAL A 71 -1.55 13.53 -1.86
CA VAL A 71 -0.93 12.79 -2.96
C VAL A 71 -2.04 12.18 -3.85
N PRO A 72 -2.33 12.83 -4.99
CA PRO A 72 -3.47 12.46 -5.84
C PRO A 72 -3.20 11.32 -6.80
N ARG A 73 -1.94 11.11 -7.16
CA ARG A 73 -1.62 10.15 -8.21
C ARG A 73 -1.42 8.74 -7.64
N GLY A 74 -2.07 8.41 -6.54
CA GLY A 74 -1.89 7.08 -5.96
C GLY A 74 -3.16 6.23 -5.97
N GLU A 75 -4.06 6.48 -6.92
CA GLU A 75 -5.26 5.66 -7.10
C GLU A 75 -4.91 4.18 -7.26
N ILE A 76 -3.86 3.94 -8.03
CA ILE A 76 -3.46 2.58 -8.37
C ILE A 76 -2.94 1.85 -7.10
N LEU A 77 -2.40 2.63 -6.16
CA LEU A 77 -1.94 2.08 -4.88
C LEU A 77 -3.10 1.43 -4.14
N TRP A 78 -4.16 2.19 -3.98
CA TRP A 78 -5.34 1.76 -3.25
C TRP A 78 -5.99 0.52 -3.85
N SER A 79 -5.87 0.42 -5.17
CA SER A 79 -6.39 -0.70 -5.91
C SER A 79 -5.75 -1.99 -5.44
N HIS A 80 -4.43 -1.94 -5.32
CA HIS A 80 -3.68 -3.09 -4.81
C HIS A 80 -3.95 -3.27 -3.33
N LEU A 81 -4.18 -2.17 -2.64
CA LEU A 81 -4.39 -2.20 -1.20
C LEU A 81 -5.72 -2.87 -0.85
N GLU A 82 -6.77 -2.53 -1.56
CA GLU A 82 -8.03 -3.22 -1.40
C GLU A 82 -7.85 -4.71 -1.67
N LEU A 83 -7.13 -5.02 -2.74
CA LEU A 83 -6.85 -6.41 -3.12
C LEU A 83 -6.00 -7.12 -2.06
N LEU A 84 -5.08 -6.39 -1.45
CA LEU A 84 -4.34 -6.89 -0.28
C LEU A 84 -5.31 -7.35 0.81
N ARG A 85 -6.14 -6.45 1.29
CA ARG A 85 -6.99 -6.79 2.43
C ARG A 85 -8.17 -7.67 2.02
N LYS A 86 -8.40 -7.77 0.71
CA LYS A 86 -9.45 -8.65 0.18
C LYS A 86 -8.99 -10.09 0.12
N TYR A 87 -7.78 -10.30 -0.37
CA TYR A 87 -7.29 -11.65 -0.67
C TYR A 87 -6.41 -12.19 0.45
N VAL A 88 -6.92 -12.10 1.67
CA VAL A 88 -6.25 -12.67 2.83
C VAL A 88 -7.19 -12.65 4.03
N LEU A 89 -8.45 -12.27 3.79
CA LEU A 89 -9.42 -12.03 4.85
C LEU A 89 -8.94 -10.93 5.81
N ALA A 90 -8.13 -10.02 5.25
CA ALA A 90 -7.58 -8.87 5.98
C ALA A 90 -6.71 -9.29 7.16
N SER A 91 -5.43 -9.54 6.89
CA SER A 91 -4.47 -9.84 7.94
C SER A 91 -3.06 -9.46 7.50
N GLY A 1 -7.30 -13.44 -12.10
CA GLY A 1 -7.04 -12.26 -11.24
C GLY A 1 -6.09 -11.28 -11.89
N SER A 2 -6.63 -10.34 -12.65
CA SER A 2 -5.85 -9.36 -13.38
C SER A 2 -4.92 -8.57 -12.44
N HIS A 3 -5.44 -8.16 -11.29
CA HIS A 3 -4.69 -7.30 -10.38
C HIS A 3 -3.72 -8.10 -9.52
N MET A 4 -3.71 -9.42 -9.68
CA MET A 4 -2.89 -10.28 -8.84
C MET A 4 -1.42 -10.10 -9.14
N ALA A 5 -1.11 -9.52 -10.30
CA ALA A 5 0.28 -9.25 -10.70
C ALA A 5 1.00 -8.43 -9.64
N ALA A 6 0.34 -7.39 -9.15
CA ALA A 6 0.92 -6.55 -8.11
C ALA A 6 0.87 -7.25 -6.76
N LEU A 7 -0.17 -8.06 -6.57
CA LEU A 7 -0.37 -8.74 -5.30
C LEU A 7 0.68 -9.81 -5.06
N GLU A 8 0.85 -10.70 -6.03
CA GLU A 8 1.79 -11.80 -5.90
C GLU A 8 3.20 -11.28 -5.70
N GLY A 9 3.50 -10.16 -6.36
CA GLY A 9 4.77 -9.51 -6.17
C GLY A 9 4.96 -9.00 -4.76
N TYR A 10 4.03 -8.17 -4.29
CA TYR A 10 4.17 -7.54 -2.99
C TYR A 10 4.06 -8.57 -1.87
N ARG A 11 3.15 -9.52 -1.98
CA ARG A 11 3.03 -10.59 -0.99
C ARG A 11 4.33 -11.39 -0.90
N LYS A 12 5.05 -11.54 -2.00
CA LYS A 12 6.35 -12.18 -1.95
C LYS A 12 7.35 -11.32 -1.16
N GLU A 13 7.09 -10.01 -1.12
CA GLU A 13 7.90 -9.10 -0.35
C GLU A 13 7.47 -9.13 1.12
N GLN A 14 6.16 -8.99 1.33
CA GLN A 14 5.55 -9.00 2.67
C GLN A 14 6.05 -10.16 3.52
N GLU A 15 5.89 -11.38 3.00
CA GLU A 15 6.25 -12.56 3.77
C GLU A 15 7.75 -12.58 4.11
N ARG A 16 8.55 -11.95 3.27
CA ARG A 16 10.00 -11.92 3.46
C ARG A 16 10.40 -10.87 4.49
N LEU A 17 9.48 -9.97 4.83
CA LEU A 17 9.77 -8.85 5.72
C LEU A 17 8.86 -8.84 6.96
N GLY A 18 7.78 -9.61 6.92
CA GLY A 18 6.88 -9.65 8.05
C GLY A 18 5.72 -8.69 7.89
N ILE A 19 5.70 -7.98 6.77
CA ILE A 19 4.66 -7.00 6.48
C ILE A 19 3.29 -7.67 6.43
N PRO A 20 2.31 -7.12 7.15
CA PRO A 20 0.94 -7.60 7.12
C PRO A 20 0.22 -7.20 5.83
N TYR A 21 -0.79 -7.97 5.49
CA TYR A 21 -1.59 -7.75 4.30
C TYR A 21 -2.56 -6.59 4.51
N ASP A 22 -3.08 -6.46 5.74
CA ASP A 22 -4.08 -5.46 6.06
C ASP A 22 -3.42 -4.14 6.44
N PRO A 23 -3.81 -3.05 5.76
CA PRO A 23 -3.14 -1.74 5.84
C PRO A 23 -3.08 -1.15 7.23
N ILE A 24 -4.11 -1.36 8.03
CA ILE A 24 -4.21 -0.71 9.32
C ILE A 24 -3.13 -1.17 10.29
N HIS A 25 -2.58 -2.37 10.09
CA HIS A 25 -1.55 -2.87 11.00
C HIS A 25 -0.14 -2.57 10.51
N TRP A 26 -0.01 -1.79 9.43
CA TRP A 26 1.32 -1.44 8.93
C TRP A 26 2.02 -0.50 9.91
N SER A 27 3.33 -0.63 10.00
CA SER A 27 4.14 0.34 10.71
C SER A 27 4.71 1.33 9.70
N THR A 28 5.12 2.50 10.16
CA THR A 28 5.53 3.61 9.28
C THR A 28 6.45 3.17 8.14
N ASP A 29 7.41 2.30 8.45
CA ASP A 29 8.31 1.78 7.43
C ASP A 29 7.55 0.97 6.40
N GLN A 30 6.80 -0.01 6.88
CA GLN A 30 6.07 -0.94 6.03
C GLN A 30 4.94 -0.27 5.26
N VAL A 31 4.37 0.78 5.83
CA VAL A 31 3.42 1.61 5.08
C VAL A 31 4.07 2.09 3.77
N LEU A 32 5.31 2.51 3.88
CA LEU A 32 6.07 2.99 2.73
C LEU A 32 6.94 1.89 2.11
N HIS A 33 7.04 0.73 2.75
CA HIS A 33 7.57 -0.43 2.02
C HIS A 33 6.61 -0.76 0.90
N TRP A 34 5.33 -0.76 1.25
CA TRP A 34 4.25 -0.87 0.28
C TRP A 34 4.32 0.26 -0.75
N VAL A 35 4.35 1.50 -0.31
CA VAL A 35 4.37 2.61 -1.26
C VAL A 35 5.60 2.59 -2.18
N VAL A 36 6.76 2.21 -1.67
CA VAL A 36 7.96 2.13 -2.52
C VAL A 36 7.85 0.97 -3.52
N TRP A 37 7.57 -0.22 -3.01
CA TRP A 37 7.45 -1.42 -3.84
C TRP A 37 6.33 -1.27 -4.87
N VAL A 38 5.17 -0.86 -4.43
CA VAL A 38 4.03 -0.78 -5.33
C VAL A 38 4.10 0.42 -6.27
N MET A 39 4.77 1.51 -5.89
CA MET A 39 4.99 2.57 -6.87
C MET A 39 5.98 2.10 -7.94
N LYS A 40 6.78 1.10 -7.58
CA LYS A 40 7.72 0.46 -8.50
C LYS A 40 6.99 -0.24 -9.67
N GLU A 41 6.03 -1.10 -9.36
CA GLU A 41 5.48 -2.01 -10.38
C GLU A 41 4.67 -1.26 -11.45
N PHE A 42 4.37 0.00 -11.20
CA PHE A 42 3.71 0.84 -12.19
C PHE A 42 4.55 2.07 -12.49
N SER A 43 5.81 2.02 -12.04
CA SER A 43 6.81 3.05 -12.35
C SER A 43 6.29 4.45 -12.06
N MET A 44 5.54 4.56 -10.96
CA MET A 44 4.91 5.80 -10.55
C MET A 44 5.96 6.81 -10.10
N THR A 45 6.72 6.43 -9.08
CA THR A 45 7.87 7.22 -8.60
C THR A 45 7.44 8.53 -7.90
N ASP A 46 6.35 9.13 -8.36
CA ASP A 46 5.96 10.47 -7.94
C ASP A 46 4.93 10.44 -6.82
N ILE A 47 4.50 9.25 -6.42
CA ILE A 47 3.61 9.12 -5.28
C ILE A 47 4.37 9.49 -4.00
N ASP A 48 3.75 10.32 -3.17
CA ASP A 48 4.42 10.95 -2.03
C ASP A 48 4.85 9.96 -0.96
N LEU A 49 6.16 9.78 -0.85
CA LEU A 49 6.76 9.00 0.22
C LEU A 49 6.94 9.87 1.46
N THR A 50 7.00 11.16 1.23
CA THR A 50 7.22 12.13 2.29
C THR A 50 5.94 12.39 3.07
N THR A 51 4.84 12.55 2.36
CA THR A 51 3.56 12.86 2.98
C THR A 51 3.00 11.68 3.77
N LEU A 52 3.20 10.46 3.25
CA LEU A 52 2.65 9.27 3.86
C LEU A 52 3.55 8.72 4.96
N ASN A 53 4.12 9.60 5.77
CA ASN A 53 4.97 9.18 6.88
C ASN A 53 4.13 8.98 8.13
N ILE A 54 3.29 7.96 8.11
CA ILE A 54 2.40 7.64 9.22
C ILE A 54 2.26 6.13 9.39
N SER A 55 1.50 5.71 10.39
CA SER A 55 1.30 4.30 10.64
C SER A 55 0.04 3.80 9.94
N GLY A 56 -0.20 2.49 9.99
CA GLY A 56 -1.32 1.91 9.28
C GLY A 56 -2.66 2.46 9.71
N ARG A 57 -2.86 2.62 11.02
CA ARG A 57 -4.12 3.08 11.55
C ARG A 57 -4.43 4.51 11.11
N GLU A 58 -3.43 5.24 10.63
CA GLU A 58 -3.65 6.57 10.06
C GLU A 58 -3.90 6.43 8.56
N LEU A 59 -3.09 5.62 7.90
CA LEU A 59 -3.21 5.39 6.46
C LEU A 59 -4.58 4.81 6.11
N CYS A 60 -4.97 3.74 6.78
CA CYS A 60 -6.23 3.07 6.47
C CYS A 60 -7.44 3.87 6.96
N SER A 61 -7.22 4.77 7.92
CA SER A 61 -8.32 5.55 8.47
C SER A 61 -8.60 6.80 7.65
N LEU A 62 -7.77 7.10 6.66
CA LEU A 62 -8.04 8.23 5.81
C LEU A 62 -8.71 7.74 4.53
N ASN A 63 -9.75 8.43 4.10
CA ASN A 63 -10.47 8.04 2.88
C ASN A 63 -9.75 8.63 1.68
N GLN A 64 -10.12 8.16 0.49
CA GLN A 64 -9.41 8.49 -0.74
C GLN A 64 -9.07 9.98 -0.84
N GLU A 65 -9.95 10.81 -0.31
CA GLU A 65 -9.86 12.25 -0.45
C GLU A 65 -8.70 12.77 0.38
N ASP A 66 -8.67 12.39 1.64
CA ASP A 66 -7.57 12.77 2.51
C ASP A 66 -6.24 12.30 1.93
N PHE A 67 -6.25 11.17 1.24
CA PHE A 67 -5.04 10.73 0.55
C PHE A 67 -4.78 11.61 -0.65
N PHE A 68 -5.80 11.80 -1.49
CA PHE A 68 -5.63 12.46 -2.77
C PHE A 68 -5.26 13.93 -2.60
N GLN A 69 -5.48 14.48 -1.42
CA GLN A 69 -5.10 15.85 -1.18
C GLN A 69 -3.65 15.89 -0.68
N ARG A 70 -3.32 15.01 0.25
CA ARG A 70 -1.94 14.82 0.69
C ARG A 70 -1.05 14.40 -0.49
N VAL A 71 -1.65 13.63 -1.40
CA VAL A 71 -0.96 12.95 -2.49
C VAL A 71 -2.01 12.37 -3.45
N PRO A 72 -2.25 13.03 -4.58
CA PRO A 72 -3.32 12.66 -5.49
C PRO A 72 -2.97 11.50 -6.42
N ARG A 73 -1.70 11.35 -6.73
CA ARG A 73 -1.29 10.41 -7.76
C ARG A 73 -1.04 8.99 -7.22
N GLY A 74 -1.78 8.57 -6.19
CA GLY A 74 -1.60 7.22 -5.69
C GLY A 74 -2.85 6.35 -5.83
N GLU A 75 -3.66 6.63 -6.84
CA GLU A 75 -4.88 5.88 -7.12
C GLU A 75 -4.64 4.37 -7.29
N ILE A 76 -3.59 4.05 -8.02
CA ILE A 76 -3.28 2.65 -8.33
C ILE A 76 -2.84 1.90 -7.06
N LEU A 77 -2.24 2.64 -6.14
CA LEU A 77 -1.79 2.08 -4.87
C LEU A 77 -2.96 1.45 -4.13
N TRP A 78 -3.99 2.25 -3.93
CA TRP A 78 -5.18 1.84 -3.20
C TRP A 78 -5.85 0.61 -3.77
N SER A 79 -5.82 0.52 -5.09
CA SER A 79 -6.43 -0.59 -5.81
C SER A 79 -5.80 -1.90 -5.39
N HIS A 80 -4.48 -1.91 -5.34
CA HIS A 80 -3.74 -3.08 -4.87
C HIS A 80 -3.99 -3.28 -3.38
N LEU A 81 -4.23 -2.18 -2.70
CA LEU A 81 -4.45 -2.23 -1.26
C LEU A 81 -5.80 -2.87 -0.94
N GLU A 82 -6.82 -2.53 -1.73
CA GLU A 82 -8.11 -3.20 -1.61
C GLU A 82 -7.88 -4.70 -1.75
N LEU A 83 -7.13 -5.07 -2.77
CA LEU A 83 -6.84 -6.47 -3.07
C LEU A 83 -6.01 -7.12 -1.96
N LEU A 84 -5.14 -6.34 -1.34
CA LEU A 84 -4.41 -6.80 -0.16
C LEU A 84 -5.37 -7.19 0.97
N ARG A 85 -6.15 -6.26 1.47
CA ARG A 85 -6.95 -6.53 2.66
C ARG A 85 -8.16 -7.43 2.34
N LYS A 86 -8.55 -7.49 1.08
CA LYS A 86 -9.59 -8.42 0.63
C LYS A 86 -9.07 -9.86 0.58
N TYR A 87 -7.79 -10.00 0.34
CA TYR A 87 -7.20 -11.31 0.07
C TYR A 87 -6.36 -11.80 1.22
N VAL A 88 -6.89 -11.57 2.42
CA VAL A 88 -6.37 -12.13 3.64
C VAL A 88 -7.48 -12.05 4.69
N LEU A 89 -8.68 -11.71 4.19
CA LEU A 89 -9.81 -11.28 5.02
C LEU A 89 -9.49 -9.94 5.65
N ALA A 90 -8.47 -9.93 6.51
CA ALA A 90 -7.86 -8.71 7.04
C ALA A 90 -6.92 -9.08 8.19
N SER A 91 -5.86 -9.81 7.85
CA SER A 91 -4.89 -10.35 8.82
C SER A 91 -5.53 -11.46 9.64
N GLY A 1 -2.90 -6.26 -17.10
CA GLY A 1 -3.66 -5.70 -15.96
C GLY A 1 -2.94 -5.89 -14.65
N SER A 2 -2.91 -4.83 -13.84
CA SER A 2 -2.24 -4.87 -12.56
C SER A 2 -3.13 -5.52 -11.50
N HIS A 3 -3.19 -6.85 -11.54
CA HIS A 3 -4.03 -7.60 -10.61
C HIS A 3 -3.17 -8.51 -9.74
N MET A 4 -2.91 -9.72 -10.22
CA MET A 4 -2.14 -10.69 -9.45
C MET A 4 -0.66 -10.38 -9.50
N ALA A 5 -0.22 -9.80 -10.61
CA ALA A 5 1.17 -9.38 -10.75
C ALA A 5 1.52 -8.36 -9.68
N ALA A 6 0.54 -7.55 -9.31
CA ALA A 6 0.72 -6.58 -8.25
C ALA A 6 0.60 -7.25 -6.89
N LEU A 7 -0.43 -8.09 -6.72
CA LEU A 7 -0.69 -8.73 -5.44
C LEU A 7 0.47 -9.61 -5.02
N GLU A 8 0.81 -10.61 -5.84
CA GLU A 8 1.87 -11.53 -5.47
C GLU A 8 3.21 -10.84 -5.40
N GLY A 9 3.37 -9.78 -6.18
CA GLY A 9 4.60 -9.04 -6.16
C GLY A 9 4.91 -8.51 -4.76
N TYR A 10 3.94 -7.86 -4.15
CA TYR A 10 4.12 -7.32 -2.83
C TYR A 10 3.89 -8.37 -1.75
N ARG A 11 2.89 -9.26 -1.91
CA ARG A 11 2.64 -10.31 -0.93
C ARG A 11 3.84 -11.25 -0.80
N LYS A 12 4.56 -11.51 -1.88
CA LYS A 12 5.79 -12.29 -1.76
C LYS A 12 6.83 -11.47 -0.99
N GLU A 13 6.66 -10.15 -1.03
CA GLU A 13 7.55 -9.21 -0.37
C GLU A 13 7.17 -9.08 1.11
N GLN A 14 5.97 -9.54 1.47
CA GLN A 14 5.44 -9.30 2.80
C GLN A 14 5.78 -10.45 3.72
N GLU A 15 5.58 -11.67 3.24
CA GLU A 15 5.83 -12.86 4.03
C GLU A 15 7.32 -12.99 4.34
N ARG A 16 8.13 -12.42 3.46
CA ARG A 16 9.58 -12.46 3.57
C ARG A 16 10.08 -11.39 4.56
N LEU A 17 9.20 -10.47 4.91
CA LEU A 17 9.55 -9.36 5.81
C LEU A 17 8.66 -9.32 7.05
N GLY A 18 7.56 -10.04 7.03
CA GLY A 18 6.66 -10.06 8.17
C GLY A 18 5.56 -9.00 8.05
N ILE A 19 5.59 -8.26 6.94
CA ILE A 19 4.65 -7.18 6.70
C ILE A 19 3.22 -7.72 6.60
N PRO A 20 2.29 -7.13 7.36
CA PRO A 20 0.87 -7.54 7.32
C PRO A 20 0.19 -7.13 6.02
N TYR A 21 -0.63 -8.05 5.52
CA TYR A 21 -1.38 -7.87 4.29
C TYR A 21 -2.34 -6.67 4.38
N ASP A 22 -2.95 -6.49 5.54
CA ASP A 22 -3.93 -5.43 5.75
C ASP A 22 -3.25 -4.12 6.13
N PRO A 23 -3.66 -3.01 5.49
CA PRO A 23 -3.00 -1.70 5.63
C PRO A 23 -2.99 -1.15 7.05
N ILE A 24 -4.05 -1.45 7.81
CA ILE A 24 -4.24 -0.83 9.10
C ILE A 24 -3.20 -1.28 10.13
N HIS A 25 -2.58 -2.44 9.93
CA HIS A 25 -1.61 -2.93 10.91
C HIS A 25 -0.17 -2.57 10.52
N TRP A 26 0.01 -1.82 9.43
CA TRP A 26 1.37 -1.47 8.99
C TRP A 26 2.05 -0.55 10.00
N SER A 27 3.37 -0.62 10.05
CA SER A 27 4.15 0.40 10.73
C SER A 27 4.69 1.37 9.68
N THR A 28 5.10 2.56 10.08
CA THR A 28 5.50 3.62 9.15
C THR A 28 6.45 3.12 8.07
N ASP A 29 7.44 2.34 8.48
CA ASP A 29 8.44 1.80 7.57
C ASP A 29 7.80 0.89 6.53
N GLN A 30 6.91 0.00 6.99
CA GLN A 30 6.19 -0.92 6.12
C GLN A 30 5.09 -0.22 5.32
N VAL A 31 4.52 0.83 5.88
CA VAL A 31 3.60 1.69 5.12
C VAL A 31 4.30 2.16 3.84
N LEU A 32 5.56 2.54 3.98
CA LEU A 32 6.35 2.99 2.84
C LEU A 32 7.19 1.85 2.24
N HIS A 33 7.24 0.67 2.86
CA HIS A 33 7.70 -0.49 2.08
C HIS A 33 6.69 -0.73 0.97
N TRP A 34 5.42 -0.71 1.35
CA TRP A 34 4.32 -0.77 0.41
C TRP A 34 4.40 0.37 -0.59
N VAL A 35 4.29 1.60 -0.11
CA VAL A 35 4.31 2.75 -0.99
C VAL A 35 5.53 2.74 -1.93
N VAL A 36 6.73 2.48 -1.43
CA VAL A 36 7.91 2.52 -2.31
C VAL A 36 7.95 1.33 -3.28
N TRP A 37 7.71 0.14 -2.77
CA TRP A 37 7.68 -1.08 -3.60
C TRP A 37 6.53 -1.02 -4.60
N VAL A 38 5.35 -0.72 -4.12
CA VAL A 38 4.18 -0.74 -4.98
C VAL A 38 4.14 0.46 -5.93
N MET A 39 4.64 1.62 -5.51
CA MET A 39 4.74 2.73 -6.47
C MET A 39 5.77 2.37 -7.57
N LYS A 40 6.68 1.46 -7.24
CA LYS A 40 7.64 0.90 -8.21
C LYS A 40 6.95 0.11 -9.32
N GLU A 41 6.07 -0.82 -8.95
CA GLU A 41 5.56 -1.82 -9.89
C GLU A 41 4.87 -1.18 -11.11
N PHE A 42 4.23 -0.04 -10.90
CA PHE A 42 3.54 0.67 -11.98
C PHE A 42 4.25 1.97 -12.32
N SER A 43 5.51 2.06 -11.91
CA SER A 43 6.38 3.18 -12.28
C SER A 43 5.73 4.50 -11.93
N MET A 44 5.12 4.54 -10.74
CA MET A 44 4.45 5.73 -10.24
C MET A 44 5.47 6.81 -9.98
N THR A 45 5.39 7.86 -10.76
CA THR A 45 6.34 8.94 -10.68
C THR A 45 5.77 10.09 -9.84
N ASP A 46 6.49 10.41 -8.77
CA ASP A 46 6.18 11.55 -7.92
C ASP A 46 4.87 11.39 -7.16
N ILE A 47 4.84 10.42 -6.24
CA ILE A 47 3.77 10.34 -5.25
C ILE A 47 4.34 10.77 -3.91
N ASP A 48 3.48 11.17 -2.98
CA ASP A 48 3.97 11.71 -1.72
C ASP A 48 4.55 10.61 -0.83
N LEU A 49 5.87 10.46 -0.88
CA LEU A 49 6.55 9.49 -0.05
C LEU A 49 6.77 10.02 1.37
N THR A 50 6.66 11.33 1.54
CA THR A 50 6.97 11.95 2.83
C THR A 50 5.70 12.19 3.66
N THR A 51 4.62 12.60 3.03
CA THR A 51 3.36 12.84 3.72
C THR A 51 2.77 11.55 4.25
N LEU A 52 3.13 10.43 3.62
CA LEU A 52 2.64 9.12 4.05
C LEU A 52 3.55 8.53 5.13
N ASN A 53 4.22 9.41 5.87
CA ASN A 53 5.11 9.00 6.94
C ASN A 53 4.34 8.85 8.25
N ILE A 54 3.38 7.95 8.25
CA ILE A 54 2.56 7.66 9.42
C ILE A 54 2.40 6.15 9.56
N SER A 55 1.64 5.68 10.53
CA SER A 55 1.49 4.25 10.71
C SER A 55 0.30 3.73 9.91
N GLY A 56 0.18 2.41 9.81
CA GLY A 56 -0.84 1.82 8.96
C GLY A 56 -2.25 2.17 9.39
N ARG A 57 -2.45 2.21 10.70
CA ARG A 57 -3.75 2.53 11.27
C ARG A 57 -4.18 3.93 10.86
N GLU A 58 -3.19 4.79 10.66
CA GLU A 58 -3.43 6.15 10.24
C GLU A 58 -3.63 6.20 8.73
N LEU A 59 -2.80 5.44 8.00
CA LEU A 59 -2.92 5.31 6.55
C LEU A 59 -4.32 4.79 6.18
N CYS A 60 -4.74 3.73 6.85
CA CYS A 60 -6.01 3.09 6.52
C CYS A 60 -7.22 3.89 7.00
N SER A 61 -7.00 4.78 7.96
CA SER A 61 -8.11 5.53 8.54
C SER A 61 -8.42 6.79 7.75
N LEU A 62 -7.66 7.09 6.71
CA LEU A 62 -8.01 8.21 5.85
C LEU A 62 -8.72 7.70 4.60
N ASN A 63 -9.74 8.43 4.19
CA ASN A 63 -10.47 8.09 2.97
C ASN A 63 -9.65 8.49 1.75
N GLN A 64 -10.00 7.91 0.59
CA GLN A 64 -9.25 8.10 -0.65
C GLN A 64 -8.85 9.55 -0.87
N GLU A 65 -9.76 10.43 -0.48
CA GLU A 65 -9.64 11.86 -0.71
C GLU A 65 -8.55 12.44 0.18
N ASP A 66 -8.57 12.08 1.44
CA ASP A 66 -7.52 12.54 2.35
C ASP A 66 -6.14 12.17 1.80
N PHE A 67 -6.04 11.03 1.12
CA PHE A 67 -4.79 10.69 0.44
C PHE A 67 -4.68 11.52 -0.83
N PHE A 68 -5.78 11.67 -1.55
CA PHE A 68 -5.76 12.30 -2.86
C PHE A 68 -5.59 13.81 -2.76
N GLN A 69 -5.55 14.34 -1.55
CA GLN A 69 -5.19 15.74 -1.37
C GLN A 69 -3.70 15.81 -1.12
N ARG A 70 -3.23 14.96 -0.22
CA ARG A 70 -1.80 14.81 0.08
C ARG A 70 -1.03 14.41 -1.18
N VAL A 71 -1.71 13.65 -2.04
CA VAL A 71 -1.11 12.96 -3.18
C VAL A 71 -2.23 12.31 -4.00
N PRO A 72 -2.73 13.03 -5.02
CA PRO A 72 -3.89 12.59 -5.81
C PRO A 72 -3.57 11.46 -6.80
N ARG A 73 -2.31 11.32 -7.16
CA ARG A 73 -1.92 10.37 -8.19
C ARG A 73 -1.53 9.01 -7.62
N GLY A 74 -2.20 8.57 -6.56
CA GLY A 74 -1.93 7.25 -6.03
C GLY A 74 -3.11 6.28 -6.15
N GLU A 75 -3.98 6.51 -7.14
CA GLU A 75 -5.16 5.66 -7.36
C GLU A 75 -4.80 4.18 -7.50
N ILE A 76 -3.74 3.92 -8.24
CA ILE A 76 -3.34 2.56 -8.58
C ILE A 76 -2.81 1.85 -7.32
N LEU A 77 -2.20 2.63 -6.43
CA LEU A 77 -1.69 2.12 -5.15
C LEU A 77 -2.83 1.48 -4.37
N TRP A 78 -3.85 2.29 -4.13
CA TRP A 78 -5.02 1.89 -3.38
C TRP A 78 -5.73 0.67 -3.95
N SER A 79 -5.71 0.58 -5.28
CA SER A 79 -6.31 -0.53 -5.99
C SER A 79 -5.70 -1.84 -5.51
N HIS A 80 -4.38 -1.87 -5.44
CA HIS A 80 -3.66 -3.03 -4.95
C HIS A 80 -3.91 -3.19 -3.44
N LEU A 81 -4.17 -2.09 -2.78
CA LEU A 81 -4.36 -2.10 -1.33
C LEU A 81 -5.72 -2.70 -0.98
N GLU A 82 -6.75 -2.32 -1.71
CA GLU A 82 -8.06 -2.95 -1.57
C GLU A 82 -7.91 -4.45 -1.76
N LEU A 83 -7.13 -4.80 -2.78
CA LEU A 83 -6.86 -6.19 -3.12
C LEU A 83 -6.02 -6.88 -2.03
N LEU A 84 -5.10 -6.16 -1.43
CA LEU A 84 -4.36 -6.68 -0.27
C LEU A 84 -5.31 -7.08 0.86
N ARG A 85 -6.06 -6.13 1.40
CA ARG A 85 -6.83 -6.42 2.61
C ARG A 85 -8.03 -7.35 2.31
N LYS A 86 -8.40 -7.42 1.05
CA LYS A 86 -9.44 -8.35 0.59
C LYS A 86 -8.92 -9.78 0.50
N TYR A 87 -7.66 -9.92 0.13
CA TYR A 87 -7.10 -11.25 -0.15
C TYR A 87 -6.20 -11.72 0.96
N VAL A 88 -6.64 -11.47 2.17
CA VAL A 88 -6.03 -12.04 3.37
C VAL A 88 -7.13 -12.25 4.41
N LEU A 89 -8.37 -11.97 3.98
CA LEU A 89 -9.53 -11.97 4.86
C LEU A 89 -9.33 -10.96 5.99
N ALA A 90 -8.53 -9.93 5.71
CA ALA A 90 -8.13 -8.91 6.67
C ALA A 90 -7.52 -9.55 7.93
N SER A 91 -6.23 -9.92 7.80
CA SER A 91 -5.48 -10.56 8.87
C SER A 91 -6.07 -11.95 9.19
N GLY A 1 -9.88 -14.05 -14.20
CA GLY A 1 -8.71 -13.29 -13.70
C GLY A 1 -9.07 -12.36 -12.57
N SER A 2 -8.08 -11.66 -12.05
CA SER A 2 -8.29 -10.70 -10.97
C SER A 2 -7.02 -9.88 -10.74
N HIS A 3 -6.36 -9.49 -11.84
CA HIS A 3 -5.09 -8.76 -11.79
C HIS A 3 -4.03 -9.59 -11.07
N MET A 4 -3.88 -9.37 -9.77
CA MET A 4 -2.98 -10.14 -8.91
C MET A 4 -1.50 -9.87 -9.21
N ALA A 5 -1.21 -9.21 -10.34
CA ALA A 5 0.16 -8.91 -10.74
C ALA A 5 0.89 -8.13 -9.64
N ALA A 6 0.23 -7.13 -9.11
CA ALA A 6 0.79 -6.33 -8.03
C ALA A 6 0.75 -7.10 -6.72
N LEU A 7 -0.26 -7.95 -6.57
CA LEU A 7 -0.47 -8.66 -5.31
C LEU A 7 0.61 -9.69 -5.08
N GLU A 8 0.78 -10.61 -6.03
CA GLU A 8 1.76 -11.68 -5.91
C GLU A 8 3.15 -11.09 -5.74
N GLY A 9 3.40 -10.00 -6.45
CA GLY A 9 4.68 -9.33 -6.34
C GLY A 9 4.94 -8.79 -4.96
N TYR A 10 4.02 -7.98 -4.46
CA TYR A 10 4.20 -7.35 -3.15
C TYR A 10 4.12 -8.39 -2.04
N ARG A 11 3.25 -9.39 -2.18
CA ARG A 11 3.20 -10.51 -1.24
C ARG A 11 4.56 -11.21 -1.16
N LYS A 12 5.22 -11.37 -2.30
CA LYS A 12 6.54 -11.97 -2.31
C LYS A 12 7.54 -11.10 -1.53
N GLU A 13 7.18 -9.84 -1.32
CA GLU A 13 7.95 -8.96 -0.45
C GLU A 13 7.44 -9.05 0.99
N GLN A 14 6.12 -8.94 1.14
CA GLN A 14 5.44 -9.03 2.45
C GLN A 14 5.90 -10.20 3.29
N GLU A 15 5.69 -11.42 2.80
CA GLU A 15 6.00 -12.61 3.58
C GLU A 15 7.50 -12.70 3.87
N ARG A 16 8.27 -12.08 3.00
CA ARG A 16 9.72 -12.03 3.10
C ARG A 16 10.18 -11.09 4.21
N LEU A 17 9.30 -10.16 4.59
CA LEU A 17 9.66 -9.09 5.53
C LEU A 17 8.70 -9.04 6.73
N GLY A 18 7.63 -9.82 6.69
CA GLY A 18 6.69 -9.85 7.79
C GLY A 18 5.58 -8.83 7.64
N ILE A 19 5.63 -8.08 6.55
CA ILE A 19 4.67 -7.02 6.29
C ILE A 19 3.26 -7.58 6.15
N PRO A 20 2.31 -7.07 6.95
CA PRO A 20 0.92 -7.52 6.91
C PRO A 20 0.20 -7.09 5.64
N TYR A 21 -0.81 -7.85 5.28
CA TYR A 21 -1.64 -7.59 4.12
C TYR A 21 -2.59 -6.42 4.37
N ASP A 22 -3.06 -6.34 5.61
CA ASP A 22 -4.07 -5.36 5.99
C ASP A 22 -3.42 -4.05 6.37
N PRO A 23 -3.78 -2.97 5.66
CA PRO A 23 -3.12 -1.66 5.76
C PRO A 23 -3.09 -1.10 7.17
N ILE A 24 -4.13 -1.38 7.94
CA ILE A 24 -4.30 -0.77 9.26
C ILE A 24 -3.22 -1.22 10.24
N HIS A 25 -2.59 -2.39 10.02
CA HIS A 25 -1.58 -2.87 10.96
C HIS A 25 -0.16 -2.55 10.50
N TRP A 26 -0.01 -1.76 9.44
CA TRP A 26 1.33 -1.41 8.96
C TRP A 26 2.02 -0.49 9.96
N SER A 27 3.33 -0.64 10.09
CA SER A 27 4.13 0.30 10.85
C SER A 27 4.71 1.32 9.89
N THR A 28 5.14 2.47 10.41
CA THR A 28 5.58 3.61 9.62
C THR A 28 6.42 3.21 8.40
N ASP A 29 7.48 2.45 8.63
CA ASP A 29 8.34 1.99 7.53
C ASP A 29 7.57 1.12 6.55
N GLN A 30 6.83 0.14 7.06
CA GLN A 30 6.08 -0.80 6.23
C GLN A 30 4.96 -0.11 5.46
N VAL A 31 4.37 0.92 6.02
CA VAL A 31 3.41 1.74 5.28
C VAL A 31 4.02 2.21 3.96
N LEU A 32 5.28 2.62 4.04
CA LEU A 32 6.02 3.08 2.86
C LEU A 32 6.87 1.97 2.24
N HIS A 33 6.99 0.81 2.88
CA HIS A 33 7.52 -0.35 2.16
C HIS A 33 6.54 -0.67 1.02
N TRP A 34 5.27 -0.64 1.36
CA TRP A 34 4.19 -0.73 0.39
C TRP A 34 4.29 0.41 -0.62
N VAL A 35 4.30 1.65 -0.16
CA VAL A 35 4.34 2.78 -1.08
C VAL A 35 5.58 2.76 -2.00
N VAL A 36 6.75 2.37 -1.49
CA VAL A 36 7.94 2.31 -2.34
C VAL A 36 7.87 1.14 -3.33
N TRP A 37 7.62 -0.06 -2.80
CA TRP A 37 7.56 -1.26 -3.64
C TRP A 37 6.42 -1.16 -4.65
N VAL A 38 5.26 -0.76 -4.21
CA VAL A 38 4.10 -0.73 -5.10
C VAL A 38 4.13 0.49 -6.04
N MET A 39 4.79 1.58 -5.66
CA MET A 39 4.99 2.65 -6.64
C MET A 39 5.97 2.18 -7.73
N LYS A 40 6.81 1.21 -7.36
CA LYS A 40 7.76 0.60 -8.30
C LYS A 40 7.05 -0.11 -9.45
N GLU A 41 6.10 -0.98 -9.12
CA GLU A 41 5.50 -1.90 -10.09
C GLU A 41 4.94 -1.16 -11.31
N PHE A 42 4.25 -0.05 -11.07
CA PHE A 42 3.63 0.73 -12.13
C PHE A 42 4.43 1.99 -12.42
N SER A 43 5.66 2.03 -11.92
CA SER A 43 6.60 3.11 -12.19
C SER A 43 6.03 4.48 -11.81
N MET A 44 5.48 4.55 -10.60
CA MET A 44 4.93 5.78 -10.05
C MET A 44 5.94 6.43 -9.09
N THR A 45 7.20 6.06 -9.23
CA THR A 45 8.28 6.58 -8.39
C THR A 45 8.28 8.12 -8.31
N ASP A 46 7.46 8.65 -7.40
CA ASP A 46 7.29 10.09 -7.22
C ASP A 46 6.22 10.41 -6.19
N ILE A 47 5.29 9.49 -5.96
CA ILE A 47 4.21 9.72 -5.00
C ILE A 47 4.77 10.10 -3.63
N ASP A 48 4.01 10.91 -2.90
CA ASP A 48 4.43 11.44 -1.60
C ASP A 48 4.72 10.36 -0.58
N LEU A 49 6.01 10.10 -0.38
CA LEU A 49 6.46 9.18 0.65
C LEU A 49 6.38 9.83 2.03
N THR A 50 6.95 11.02 2.16
CA THR A 50 7.06 11.68 3.45
C THR A 50 5.70 12.18 3.94
N THR A 51 4.76 12.34 3.02
CA THR A 51 3.42 12.77 3.37
C THR A 51 2.61 11.60 3.93
N LEU A 52 3.09 10.40 3.66
CA LEU A 52 2.48 9.19 4.19
C LEU A 52 3.35 8.62 5.30
N ASN A 53 4.12 9.50 5.93
CA ASN A 53 4.95 9.13 7.06
C ASN A 53 4.08 8.98 8.31
N ILE A 54 3.20 7.99 8.26
CA ILE A 54 2.26 7.73 9.32
C ILE A 54 2.15 6.22 9.52
N SER A 55 1.42 5.79 10.53
CA SER A 55 1.26 4.37 10.77
C SER A 55 0.05 3.82 10.01
N GLY A 56 -0.06 2.50 9.93
CA GLY A 56 -1.10 1.89 9.13
C GLY A 56 -2.50 2.30 9.53
N ARG A 57 -2.74 2.37 10.83
CA ARG A 57 -4.04 2.77 11.35
C ARG A 57 -4.40 4.16 10.86
N GLU A 58 -3.41 5.01 10.71
CA GLU A 58 -3.60 6.36 10.22
C GLU A 58 -3.82 6.35 8.71
N LEU A 59 -3.04 5.53 8.02
CA LEU A 59 -3.17 5.34 6.57
C LEU A 59 -4.58 4.84 6.22
N CYS A 60 -5.04 3.80 6.90
CA CYS A 60 -6.35 3.23 6.63
C CYS A 60 -7.47 4.13 7.15
N SER A 61 -7.13 4.98 8.12
CA SER A 61 -8.07 5.92 8.69
C SER A 61 -8.49 7.02 7.72
N LEU A 62 -7.68 7.30 6.70
CA LEU A 62 -7.99 8.40 5.82
C LEU A 62 -8.70 7.91 4.55
N ASN A 63 -9.72 8.64 4.14
CA ASN A 63 -10.45 8.32 2.91
C ASN A 63 -9.67 8.81 1.70
N GLN A 64 -10.01 8.27 0.52
CA GLN A 64 -9.26 8.52 -0.72
C GLN A 64 -8.83 9.98 -0.88
N GLU A 65 -9.70 10.89 -0.44
CA GLU A 65 -9.49 12.33 -0.61
C GLU A 65 -8.33 12.80 0.26
N ASP A 66 -8.35 12.42 1.53
CA ASP A 66 -7.26 12.79 2.43
C ASP A 66 -5.92 12.29 1.89
N PHE A 67 -5.94 11.16 1.20
CA PHE A 67 -4.75 10.68 0.52
C PHE A 67 -4.49 11.51 -0.72
N PHE A 68 -5.52 11.73 -1.52
CA PHE A 68 -5.38 12.34 -2.83
C PHE A 68 -4.93 13.79 -2.73
N GLN A 69 -5.20 14.44 -1.61
CA GLN A 69 -4.72 15.80 -1.43
C GLN A 69 -3.24 15.75 -1.11
N ARG A 70 -2.88 14.85 -0.20
CA ARG A 70 -1.50 14.58 0.16
C ARG A 70 -0.71 14.09 -1.05
N VAL A 71 -1.40 13.37 -1.94
CA VAL A 71 -0.81 12.64 -3.07
C VAL A 71 -1.96 12.02 -3.90
N PRO A 72 -2.32 12.65 -5.02
CA PRO A 72 -3.48 12.25 -5.81
C PRO A 72 -3.22 11.12 -6.80
N ARG A 73 -1.97 10.89 -7.15
CA ARG A 73 -1.65 9.90 -8.16
C ARG A 73 -1.40 8.52 -7.57
N GLY A 74 -2.10 8.16 -6.49
CA GLY A 74 -1.96 6.82 -5.94
C GLY A 74 -3.24 5.99 -5.98
N GLU A 75 -4.12 6.27 -6.94
CA GLU A 75 -5.34 5.48 -7.14
C GLU A 75 -5.03 3.99 -7.32
N ILE A 76 -3.99 3.74 -8.10
CA ILE A 76 -3.59 2.38 -8.43
C ILE A 76 -3.08 1.65 -7.16
N LEU A 77 -2.52 2.44 -6.24
CA LEU A 77 -2.05 1.92 -4.96
C LEU A 77 -3.20 1.27 -4.19
N TRP A 78 -4.22 2.07 -3.93
CA TRP A 78 -5.38 1.67 -3.17
C TRP A 78 -6.08 0.45 -3.75
N SER A 79 -6.04 0.37 -5.08
CA SER A 79 -6.63 -0.75 -5.80
C SER A 79 -5.97 -2.05 -5.37
N HIS A 80 -4.65 -2.04 -5.35
CA HIS A 80 -3.88 -3.18 -4.89
C HIS A 80 -4.10 -3.38 -3.39
N LEU A 81 -4.29 -2.27 -2.70
CA LEU A 81 -4.43 -2.30 -1.25
C LEU A 81 -5.75 -2.96 -0.84
N GLU A 82 -6.83 -2.62 -1.52
CA GLU A 82 -8.08 -3.33 -1.31
C GLU A 82 -7.90 -4.83 -1.57
N LEU A 83 -7.18 -5.14 -2.64
CA LEU A 83 -6.90 -6.52 -3.00
C LEU A 83 -6.03 -7.20 -1.94
N LEU A 84 -5.16 -6.42 -1.30
CA LEU A 84 -4.42 -6.89 -0.14
C LEU A 84 -5.34 -7.31 1.00
N ARG A 85 -6.12 -6.38 1.53
CA ARG A 85 -6.91 -6.70 2.72
C ARG A 85 -8.09 -7.63 2.40
N LYS A 86 -8.45 -7.71 1.12
CA LYS A 86 -9.47 -8.66 0.67
C LYS A 86 -8.93 -10.08 0.61
N TYR A 87 -7.68 -10.23 0.22
CA TYR A 87 -7.12 -11.54 -0.09
C TYR A 87 -6.20 -12.03 1.02
N VAL A 88 -6.67 -11.88 2.25
CA VAL A 88 -5.98 -12.41 3.41
C VAL A 88 -6.96 -12.54 4.58
N LEU A 89 -8.23 -12.23 4.31
CA LEU A 89 -9.26 -12.17 5.34
C LEU A 89 -8.92 -11.10 6.37
N ALA A 90 -8.15 -10.11 5.91
CA ALA A 90 -7.69 -9.00 6.74
C ALA A 90 -6.92 -9.46 7.98
N SER A 91 -5.69 -9.91 7.76
CA SER A 91 -4.78 -10.32 8.83
C SER A 91 -5.33 -11.50 9.63
N GLY A 1 -5.42 -14.92 -11.65
CA GLY A 1 -5.24 -14.23 -12.95
C GLY A 1 -4.44 -12.95 -12.80
N SER A 2 -4.68 -12.00 -13.70
CA SER A 2 -3.90 -10.77 -13.78
C SER A 2 -4.07 -9.88 -12.54
N HIS A 3 -5.05 -10.22 -11.71
CA HIS A 3 -5.30 -9.49 -10.46
C HIS A 3 -4.06 -9.53 -9.56
N MET A 4 -3.39 -10.68 -9.55
CA MET A 4 -2.32 -10.92 -8.60
C MET A 4 -0.98 -10.39 -9.12
N ALA A 5 -1.00 -9.66 -10.24
CA ALA A 5 0.21 -9.10 -10.83
C ALA A 5 1.03 -8.32 -9.80
N ALA A 6 0.37 -7.38 -9.15
CA ALA A 6 1.03 -6.60 -8.10
C ALA A 6 0.95 -7.33 -6.76
N LEU A 7 -0.04 -8.20 -6.63
CA LEU A 7 -0.33 -8.84 -5.34
C LEU A 7 0.74 -9.84 -4.97
N GLU A 8 0.93 -10.88 -5.78
CA GLU A 8 1.88 -11.93 -5.45
C GLU A 8 3.29 -11.37 -5.39
N GLY A 9 3.53 -10.31 -6.15
CA GLY A 9 4.81 -9.63 -6.10
C GLY A 9 5.06 -9.02 -4.74
N TYR A 10 4.10 -8.24 -4.24
CA TYR A 10 4.26 -7.61 -2.94
C TYR A 10 4.13 -8.63 -1.82
N ARG A 11 3.22 -9.59 -1.96
CA ARG A 11 3.12 -10.70 -1.01
C ARG A 11 4.44 -11.45 -0.90
N LYS A 12 5.12 -11.66 -2.02
CA LYS A 12 6.43 -12.31 -1.97
C LYS A 12 7.43 -11.44 -1.20
N GLU A 13 7.12 -10.14 -1.11
CA GLU A 13 7.93 -9.23 -0.31
C GLU A 13 7.49 -9.32 1.16
N GLN A 14 6.18 -9.15 1.36
CA GLN A 14 5.56 -9.17 2.69
C GLN A 14 5.95 -10.39 3.50
N GLU A 15 5.64 -11.57 2.99
CA GLU A 15 5.80 -12.80 3.76
C GLU A 15 7.25 -13.04 4.17
N ARG A 16 8.19 -12.51 3.38
CA ARG A 16 9.60 -12.66 3.66
C ARG A 16 10.09 -11.60 4.65
N LEU A 17 9.23 -10.64 4.97
CA LEU A 17 9.58 -9.53 5.85
C LEU A 17 8.61 -9.41 7.02
N GLY A 18 7.52 -10.16 6.97
CA GLY A 18 6.55 -10.13 8.05
C GLY A 18 5.49 -9.07 7.85
N ILE A 19 5.59 -8.34 6.74
CA ILE A 19 4.67 -7.24 6.45
C ILE A 19 3.24 -7.74 6.37
N PRO A 20 2.32 -7.12 7.14
CA PRO A 20 0.91 -7.51 7.14
C PRO A 20 0.21 -7.08 5.87
N TYR A 21 -0.68 -7.95 5.41
CA TYR A 21 -1.46 -7.74 4.22
C TYR A 21 -2.43 -6.57 4.40
N ASP A 22 -2.97 -6.46 5.60
CA ASP A 22 -4.00 -5.45 5.89
C ASP A 22 -3.34 -4.12 6.30
N PRO A 23 -3.80 -3.02 5.68
CA PRO A 23 -3.16 -1.69 5.78
C PRO A 23 -3.08 -1.13 7.18
N ILE A 24 -4.10 -1.38 7.99
CA ILE A 24 -4.20 -0.71 9.28
C ILE A 24 -3.09 -1.14 10.25
N HIS A 25 -2.50 -2.32 10.05
CA HIS A 25 -1.47 -2.80 10.97
C HIS A 25 -0.05 -2.48 10.47
N TRP A 26 0.08 -1.69 9.40
CA TRP A 26 1.42 -1.32 8.93
C TRP A 26 2.09 -0.39 9.94
N SER A 27 3.41 -0.47 10.03
CA SER A 27 4.18 0.52 10.76
C SER A 27 4.78 1.51 9.76
N THR A 28 5.27 2.64 10.26
CA THR A 28 5.77 3.73 9.42
C THR A 28 6.64 3.24 8.27
N ASP A 29 7.55 2.32 8.56
CA ASP A 29 8.46 1.79 7.56
C ASP A 29 7.69 0.98 6.51
N GLN A 30 6.88 0.04 6.99
CA GLN A 30 6.14 -0.89 6.13
C GLN A 30 5.04 -0.19 5.34
N VAL A 31 4.48 0.87 5.90
CA VAL A 31 3.56 1.71 5.12
C VAL A 31 4.24 2.16 3.82
N LEU A 32 5.51 2.53 3.94
CA LEU A 32 6.31 2.95 2.80
C LEU A 32 7.13 1.81 2.21
N HIS A 33 7.17 0.64 2.83
CA HIS A 33 7.65 -0.54 2.10
C HIS A 33 6.67 -0.83 0.98
N TRP A 34 5.39 -0.81 1.35
CA TRP A 34 4.30 -0.89 0.39
C TRP A 34 4.38 0.23 -0.64
N VAL A 35 4.35 1.48 -0.22
CA VAL A 35 4.36 2.57 -1.19
C VAL A 35 5.57 2.51 -2.12
N VAL A 36 6.76 2.23 -1.62
CA VAL A 36 7.95 2.21 -2.48
C VAL A 36 7.89 1.04 -3.47
N TRP A 37 7.60 -0.14 -2.95
CA TRP A 37 7.48 -1.33 -3.79
C TRP A 37 6.35 -1.17 -4.80
N VAL A 38 5.19 -0.75 -4.34
CA VAL A 38 4.02 -0.67 -5.20
C VAL A 38 4.08 0.54 -6.14
N MET A 39 4.70 1.64 -5.75
CA MET A 39 4.90 2.73 -6.72
C MET A 39 5.88 2.28 -7.81
N LYS A 40 6.69 1.29 -7.49
CA LYS A 40 7.61 0.68 -8.45
C LYS A 40 6.88 -0.11 -9.54
N GLU A 41 5.96 -1.00 -9.16
CA GLU A 41 5.31 -1.91 -10.12
C GLU A 41 4.65 -1.16 -11.30
N PHE A 42 4.21 0.06 -11.06
CA PHE A 42 3.54 0.85 -12.10
C PHE A 42 4.31 2.12 -12.40
N SER A 43 5.58 2.15 -11.96
CA SER A 43 6.50 3.25 -12.26
C SER A 43 5.89 4.61 -11.91
N MET A 44 5.27 4.66 -10.74
CA MET A 44 4.63 5.87 -10.25
C MET A 44 5.67 6.88 -9.80
N THR A 45 6.51 6.45 -8.85
CA THR A 45 7.69 7.19 -8.35
C THR A 45 7.33 8.49 -7.64
N ASP A 46 6.46 9.29 -8.23
CA ASP A 46 6.15 10.62 -7.71
C ASP A 46 4.92 10.58 -6.80
N ILE A 47 4.89 9.65 -5.86
CA ILE A 47 3.85 9.64 -4.84
C ILE A 47 4.48 10.00 -3.49
N ASP A 48 3.78 10.84 -2.74
CA ASP A 48 4.31 11.44 -1.51
C ASP A 48 4.64 10.40 -0.44
N LEU A 49 5.91 10.06 -0.33
CA LEU A 49 6.40 9.18 0.72
C LEU A 49 6.42 9.92 2.06
N THR A 50 6.85 11.17 2.01
CA THR A 50 7.01 11.97 3.22
C THR A 50 5.65 12.31 3.85
N THR A 51 4.61 12.34 3.02
CA THR A 51 3.28 12.67 3.51
C THR A 51 2.58 11.44 4.07
N LEU A 52 2.94 10.27 3.56
CA LEU A 52 2.39 9.02 4.08
C LEU A 52 3.34 8.42 5.09
N ASN A 53 4.15 9.27 5.72
CA ASN A 53 5.09 8.82 6.74
C ASN A 53 4.36 8.65 8.07
N ILE A 54 3.32 7.84 8.05
CA ILE A 54 2.53 7.55 9.23
C ILE A 54 2.37 6.04 9.36
N SER A 55 1.58 5.59 10.32
CA SER A 55 1.37 4.17 10.49
C SER A 55 0.10 3.70 9.80
N GLY A 56 -0.16 2.41 9.85
CA GLY A 56 -1.29 1.85 9.15
C GLY A 56 -2.61 2.43 9.59
N ARG A 57 -2.78 2.61 10.89
CA ARG A 57 -4.03 3.12 11.43
C ARG A 57 -4.30 4.55 10.98
N GLU A 58 -3.26 5.27 10.60
CA GLU A 58 -3.44 6.58 9.99
C GLU A 58 -3.79 6.42 8.51
N LEU A 59 -3.01 5.60 7.81
CA LEU A 59 -3.19 5.37 6.38
C LEU A 59 -4.60 4.84 6.08
N CYS A 60 -4.97 3.75 6.73
CA CYS A 60 -6.23 3.08 6.43
C CYS A 60 -7.45 3.88 6.89
N SER A 61 -7.25 4.78 7.85
CA SER A 61 -8.38 5.52 8.41
C SER A 61 -8.71 6.79 7.62
N LEU A 62 -7.88 7.13 6.65
CA LEU A 62 -8.20 8.28 5.81
C LEU A 62 -8.91 7.83 4.56
N ASN A 63 -9.91 8.59 4.16
CA ASN A 63 -10.66 8.31 2.96
C ASN A 63 -9.89 8.80 1.75
N GLN A 64 -10.19 8.25 0.56
CA GLN A 64 -9.43 8.49 -0.67
C GLN A 64 -9.01 9.94 -0.85
N GLU A 65 -9.90 10.85 -0.45
CA GLU A 65 -9.71 12.28 -0.64
C GLU A 65 -8.60 12.80 0.24
N ASP A 66 -8.63 12.42 1.51
CA ASP A 66 -7.56 12.82 2.42
C ASP A 66 -6.21 12.36 1.88
N PHE A 67 -6.21 11.23 1.19
CA PHE A 67 -5.01 10.79 0.49
C PHE A 67 -4.78 11.66 -0.73
N PHE A 68 -5.83 11.88 -1.52
CA PHE A 68 -5.71 12.53 -2.83
C PHE A 68 -5.33 14.00 -2.67
N GLN A 69 -5.47 14.55 -1.48
CA GLN A 69 -5.02 15.91 -1.26
C GLN A 69 -3.56 15.89 -0.88
N ARG A 70 -3.21 14.99 0.04
CA ARG A 70 -1.81 14.76 0.42
C ARG A 70 -0.99 14.33 -0.80
N VAL A 71 -1.64 13.61 -1.72
CA VAL A 71 -1.02 12.95 -2.86
C VAL A 71 -2.12 12.37 -3.77
N PRO A 72 -2.43 13.05 -4.87
CA PRO A 72 -3.57 12.70 -5.74
C PRO A 72 -3.28 11.57 -6.72
N ARG A 73 -2.03 11.37 -7.08
CA ARG A 73 -1.70 10.41 -8.13
C ARG A 73 -1.46 9.00 -7.59
N GLY A 74 -2.12 8.63 -6.48
CA GLY A 74 -1.90 7.30 -5.93
C GLY A 74 -3.12 6.40 -6.02
N GLU A 75 -4.00 6.64 -6.99
CA GLU A 75 -5.20 5.83 -7.21
C GLU A 75 -4.88 4.32 -7.32
N ILE A 76 -3.80 4.03 -8.03
CA ILE A 76 -3.44 2.65 -8.34
C ILE A 76 -2.93 1.93 -7.07
N LEU A 77 -2.34 2.71 -6.16
CA LEU A 77 -1.84 2.17 -4.89
C LEU A 77 -2.99 1.54 -4.11
N TRP A 78 -4.05 2.31 -3.93
CA TRP A 78 -5.23 1.88 -3.20
C TRP A 78 -5.88 0.65 -3.78
N SER A 79 -5.81 0.55 -5.09
CA SER A 79 -6.40 -0.56 -5.82
C SER A 79 -5.77 -1.87 -5.37
N HIS A 80 -4.44 -1.87 -5.32
CA HIS A 80 -3.71 -3.04 -4.86
C HIS A 80 -3.94 -3.23 -3.36
N LEU A 81 -4.16 -2.12 -2.68
CA LEU A 81 -4.35 -2.15 -1.23
C LEU A 81 -5.69 -2.81 -0.89
N GLU A 82 -6.74 -2.45 -1.62
CA GLU A 82 -8.01 -3.14 -1.47
C GLU A 82 -7.82 -4.64 -1.67
N LEU A 83 -7.09 -4.98 -2.72
CA LEU A 83 -6.82 -6.38 -3.05
C LEU A 83 -5.96 -7.04 -1.98
N LEU A 84 -5.05 -6.29 -1.37
CA LEU A 84 -4.32 -6.77 -0.22
C LEU A 84 -5.26 -7.20 0.91
N ARG A 85 -6.06 -6.27 1.41
CA ARG A 85 -6.87 -6.58 2.59
C ARG A 85 -8.07 -7.48 2.23
N LYS A 86 -8.42 -7.52 0.96
CA LYS A 86 -9.46 -8.42 0.47
C LYS A 86 -8.96 -9.86 0.39
N TYR A 87 -7.71 -10.01 -0.03
CA TYR A 87 -7.16 -11.33 -0.35
C TYR A 87 -6.25 -11.84 0.74
N VAL A 88 -6.55 -11.42 1.96
CA VAL A 88 -5.96 -12.00 3.15
C VAL A 88 -7.07 -12.27 4.17
N LEU A 89 -8.28 -11.93 3.75
CA LEU A 89 -9.46 -11.97 4.61
C LEU A 89 -9.31 -10.98 5.77
N ALA A 90 -8.59 -9.89 5.48
CA ALA A 90 -8.38 -8.79 6.41
C ALA A 90 -7.71 -9.24 7.71
N SER A 91 -6.38 -9.39 7.65
CA SER A 91 -5.54 -9.78 8.80
C SER A 91 -6.09 -10.99 9.56
#